data_4JBX
#
_entry.id   4JBX
#
_cell.length_a   113.486
_cell.length_b   118.314
_cell.length_c   108.234
_cell.angle_alpha   90.00
_cell.angle_beta   90.00
_cell.angle_gamma   90.00
#
_symmetry.space_group_name_H-M   'C 2 2 21'
#
loop_
_entity.id
_entity.type
_entity.pdbx_description
1 polymer 'Thymidine kinase'
2 non-polymer 6-[3-hydroxy-2-(hydroxymethyl)prop-1-en-1-yl]-1,5-dimethylpyrimidine-2,4(1H,3H)-dione
3 non-polymer 'SULFATE ION'
4 non-polymer 1,2-ETHANEDIOL
5 water water
#
_entity_poly.entity_id   1
_entity_poly.type   'polypeptide(L)'
_entity_poly.pdbx_seq_one_letter_code
;KMPTLLRVYIDGPHGMGKTTTTQLLVALGSRDDIVYVPEPMTYWRVLGASETIANIYTTQHRLDQGEISAGDAAVVMTSA
QITMGMPYAVTDAVLAPHIGGEAGSSHAPPPALTLIFDRHPIAALLCYPAARYLMGSMTPQAVLAFVALIPPTLPGTNIV
LGALPEDRHIDRLAKRQRPGERLDLAMLAAIRRVYGLLANTVRYLQCGGSWREDWGQLSGTAVPPQGAEPQSNAGPRPHI
GDTLFTLFRAPELLAPNGDLYNVFAWALDVLAKRLRSMHVFILDYDQSPAGCRDALLQLTSGMVQTHVTTPGSIPTICDL
ARTFAREMGEAN
;
_entity_poly.pdbx_strand_id   A,B
#
loop_
_chem_comp.id
_chem_comp.type
_chem_comp.name
_chem_comp.formula
EDO non-polymer 1,2-ETHANEDIOL 'C2 H6 O2'
SK7 non-polymer 6-[3-hydroxy-2-(hydroxymethyl)prop-1-en-1-yl]-1,5-dimethylpyrimidine-2,4(1H,3H)-dione 'C10 H14 N2 O4'
SO4 non-polymer 'SULFATE ION' 'O4 S -2'
#
# COMPACT_ATOMS: atom_id res chain seq x y z
N LYS A 1 -7.02 -18.71 -25.16
CA LYS A 1 -8.40 -19.16 -25.32
C LYS A 1 -9.36 -18.16 -24.69
N MET A 2 -8.83 -17.26 -23.87
CA MET A 2 -9.65 -16.32 -23.10
C MET A 2 -9.89 -15.02 -23.88
N PRO A 3 -11.01 -14.34 -23.62
CA PRO A 3 -11.28 -13.05 -24.28
C PRO A 3 -10.25 -11.99 -23.89
N THR A 4 -10.22 -10.89 -24.65
CA THR A 4 -9.22 -9.84 -24.43
C THR A 4 -9.79 -8.61 -23.76
N LEU A 5 -8.94 -7.91 -23.02
CA LEU A 5 -9.35 -6.74 -22.26
C LEU A 5 -8.45 -5.55 -22.58
N LEU A 6 -9.05 -4.38 -22.74
CA LEU A 6 -8.28 -3.14 -22.87
C LEU A 6 -8.50 -2.22 -21.66
N ARG A 7 -7.46 -2.05 -20.86
CA ARG A 7 -7.56 -1.13 -19.74
C ARG A 7 -6.92 0.20 -20.06
N VAL A 8 -7.65 1.28 -19.78
CA VAL A 8 -7.19 2.62 -20.09
C VAL A 8 -7.37 3.48 -18.86
N TYR A 9 -6.27 4.04 -18.37
CA TYR A 9 -6.30 4.92 -17.20
C TYR A 9 -6.12 6.35 -17.63
N ILE A 10 -7.20 7.13 -17.52
CA ILE A 10 -7.15 8.57 -17.82
C ILE A 10 -6.62 9.29 -16.61
N ASP A 11 -5.42 9.85 -16.73
CA ASP A 11 -4.77 10.40 -15.56
C ASP A 11 -4.16 11.74 -15.93
N GLY A 12 -3.08 12.13 -15.27
CA GLY A 12 -2.49 13.43 -15.51
C GLY A 12 -3.03 14.49 -14.57
N PRO A 13 -2.51 15.72 -14.67
CA PRO A 13 -3.01 16.80 -13.82
C PRO A 13 -4.52 17.01 -14.00
N HIS A 14 -5.24 17.20 -12.90
CA HIS A 14 -6.68 17.42 -12.98
C HIS A 14 -6.96 18.83 -13.50
N GLY A 15 -8.18 19.04 -14.03
CA GLY A 15 -8.60 20.36 -14.46
C GLY A 15 -8.25 20.73 -15.89
N MET A 16 -7.87 19.76 -16.71
CA MET A 16 -7.49 20.06 -18.09
C MET A 16 -8.64 19.91 -19.07
N GLY A 17 -9.61 19.08 -18.75
CA GLY A 17 -10.74 18.86 -19.62
C GLY A 17 -11.97 19.68 -19.24
N LYS A 18 -13.14 19.14 -19.59
CA LYS A 18 -14.43 19.78 -19.32
C LYS A 18 -15.43 18.72 -18.85
N THR A 19 -16.42 19.13 -18.07
CA THR A 19 -17.44 18.19 -17.60
C THR A 19 -18.29 17.69 -18.77
N THR A 20 -18.15 18.37 -19.91
CA THR A 20 -18.71 17.91 -21.17
C THR A 20 -17.88 16.74 -21.70
N THR A 21 -16.56 16.84 -21.55
CA THR A 21 -15.67 15.74 -21.96
C THR A 21 -16.02 14.50 -21.14
N THR A 22 -16.22 14.69 -19.84
CA THR A 22 -16.56 13.60 -18.94
C THR A 22 -17.87 12.94 -19.33
N GLN A 23 -18.91 13.75 -19.54
CA GLN A 23 -20.21 13.23 -19.97
C GLN A 23 -20.11 12.33 -21.20
N LEU A 24 -19.23 12.67 -22.13
CA LEU A 24 -18.97 11.83 -23.29
C LEU A 24 -18.39 10.48 -22.88
N LEU A 25 -17.49 10.50 -21.88
CA LEU A 25 -16.89 9.28 -21.32
C LEU A 25 -17.94 8.40 -20.63
N VAL A 26 -18.87 9.03 -19.93
CA VAL A 26 -20.03 8.33 -19.41
C VAL A 26 -20.84 7.78 -20.58
N ALA A 27 -21.05 8.63 -21.57
CA ALA A 27 -21.81 8.25 -22.76
C ALA A 27 -21.09 7.17 -23.54
N LEU A 28 -19.76 7.25 -23.53
CA LEU A 28 -18.91 6.21 -24.11
C LEU A 28 -19.17 4.86 -23.43
N GLY A 29 -19.39 4.88 -22.12
CA GLY A 29 -19.67 3.68 -21.37
C GLY A 29 -21.06 3.08 -21.61
N SER A 30 -21.89 3.78 -22.37
CA SER A 30 -23.23 3.29 -22.70
C SER A 30 -23.15 1.99 -23.49
N ARG A 31 -22.14 1.91 -24.36
CA ARG A 31 -21.91 0.70 -25.16
C ARG A 31 -21.74 -0.52 -24.27
N ASP A 32 -22.02 -1.69 -24.85
CA ASP A 32 -21.93 -2.94 -24.12
C ASP A 32 -20.48 -3.36 -23.96
N ASP A 33 -19.62 -2.87 -24.85
CA ASP A 33 -18.23 -3.29 -24.90
C ASP A 33 -17.28 -2.32 -24.18
N ILE A 34 -17.85 -1.36 -23.47
CA ILE A 34 -17.07 -0.35 -22.75
C ILE A 34 -17.72 -0.02 -21.42
N VAL A 35 -16.92 -0.02 -20.35
CA VAL A 35 -17.37 0.57 -19.08
C VAL A 35 -16.41 1.66 -18.61
N TYR A 36 -16.97 2.74 -18.07
CA TYR A 36 -16.19 3.87 -17.58
C TYR A 36 -16.31 4.04 -16.07
N VAL A 37 -15.25 3.63 -15.36
CA VAL A 37 -15.12 3.76 -13.91
C VAL A 37 -14.78 5.19 -13.52
N PRO A 38 -15.75 5.90 -12.93
CA PRO A 38 -15.62 7.33 -12.73
C PRO A 38 -14.91 7.69 -11.43
N GLU A 39 -14.69 9.00 -11.29
CA GLU A 39 -14.04 9.59 -10.14
C GLU A 39 -14.85 9.28 -8.88
N PRO A 40 -14.19 8.71 -7.86
CA PRO A 40 -14.91 8.28 -6.66
C PRO A 40 -15.15 9.43 -5.69
N MET A 41 -15.77 10.50 -6.18
CA MET A 41 -15.96 11.73 -5.38
C MET A 41 -16.77 11.47 -4.11
N THR A 42 -17.77 10.61 -4.18
CA THR A 42 -18.56 10.25 -3.01
C THR A 42 -17.70 9.60 -1.92
N TYR A 43 -16.72 8.79 -2.32
CA TYR A 43 -15.82 8.23 -1.32
C TYR A 43 -15.08 9.35 -0.57
N TRP A 44 -14.48 10.27 -1.32
CA TRP A 44 -13.68 11.36 -0.76
C TRP A 44 -14.47 12.38 0.10
N ARG A 45 -15.71 12.68 -0.31
CA ARG A 45 -16.54 13.68 0.39
C ARG A 45 -17.28 13.12 1.60
N VAL A 46 -17.67 11.83 1.50
CA VAL A 46 -18.56 11.21 2.50
C VAL A 46 -18.10 9.85 3.05
N LEU A 47 -17.91 8.87 2.18
CA LEU A 47 -17.71 7.48 2.63
C LEU A 47 -16.41 7.21 3.41
N GLY A 48 -15.27 7.62 2.86
CA GLY A 48 -14.00 7.35 3.50
C GLY A 48 -13.66 8.35 4.59
N ALA A 49 -14.23 9.55 4.48
CA ALA A 49 -14.00 10.63 5.42
C ALA A 49 -14.86 11.80 4.98
N SER A 50 -14.78 12.92 5.69
CA SER A 50 -15.62 14.07 5.39
C SER A 50 -14.86 15.16 4.63
N GLU A 51 -15.30 15.44 3.41
CA GLU A 51 -14.74 16.51 2.58
C GLU A 51 -13.21 16.48 2.53
N THR A 52 -12.65 15.43 1.95
CA THR A 52 -11.21 15.23 1.94
C THR A 52 -10.49 16.29 1.10
N ILE A 53 -11.08 16.64 -0.04
CA ILE A 53 -10.54 17.67 -0.91
C ILE A 53 -10.43 19.01 -0.15
N ALA A 54 -11.49 19.35 0.57
CA ALA A 54 -11.52 20.58 1.36
C ALA A 54 -10.43 20.57 2.41
N ASN A 55 -10.26 19.43 3.06
CA ASN A 55 -9.26 19.24 4.09
C ASN A 55 -7.88 19.55 3.51
N ILE A 56 -7.62 18.99 2.33
CA ILE A 56 -6.36 19.15 1.65
C ILE A 56 -6.06 20.62 1.35
N TYR A 57 -7.00 21.29 0.70
CA TYR A 57 -6.76 22.65 0.26
C TYR A 57 -6.76 23.66 1.41
N THR A 58 -7.55 23.38 2.44
CA THR A 58 -7.52 24.21 3.64
C THR A 58 -6.18 24.09 4.35
N THR A 59 -5.70 22.86 4.51
CA THR A 59 -4.42 22.61 5.15
C THR A 59 -3.27 23.34 4.45
N GLN A 60 -3.19 23.26 3.13
CA GLN A 60 -2.13 23.95 2.43
C GLN A 60 -2.27 25.47 2.60
N HIS A 61 -3.49 25.97 2.52
CA HIS A 61 -3.70 27.41 2.65
C HIS A 61 -3.18 27.90 3.99
N ARG A 62 -3.46 27.13 5.05
CA ARG A 62 -3.06 27.53 6.39
C ARG A 62 -1.56 27.35 6.65
N LEU A 63 -0.94 26.40 5.96
CA LEU A 63 0.52 26.28 5.99
C LEU A 63 1.13 27.53 5.36
N ASP A 64 0.60 27.89 4.20
CA ASP A 64 1.06 29.07 3.47
C ASP A 64 0.89 30.37 4.26
N GLN A 65 -0.18 30.47 5.04
CA GLN A 65 -0.45 31.65 5.86
C GLN A 65 0.34 31.62 7.15
N GLY A 66 0.97 30.48 7.44
CA GLY A 66 1.78 30.33 8.63
C GLY A 66 0.98 30.01 9.87
N GLU A 67 -0.27 29.60 9.68
CA GLU A 67 -1.12 29.28 10.82
C GLU A 67 -0.85 27.88 11.38
N ILE A 68 -0.15 27.05 10.62
CA ILE A 68 0.25 25.71 11.10
C ILE A 68 1.67 25.38 10.65
N SER A 69 2.32 24.47 11.36
CA SER A 69 3.66 24.04 11.01
C SER A 69 3.67 23.07 9.83
N ALA A 70 4.82 22.96 9.19
CA ALA A 70 5.02 22.03 8.07
C ALA A 70 4.75 20.60 8.53
N GLY A 71 5.16 20.30 9.76
CA GLY A 71 4.91 19.00 10.38
C GLY A 71 3.43 18.69 10.53
N ASP A 72 2.67 19.67 10.99
CA ASP A 72 1.22 19.56 11.10
C ASP A 72 0.56 19.32 9.75
N ALA A 73 1.02 20.06 8.75
CA ALA A 73 0.50 19.91 7.39
C ALA A 73 0.79 18.51 6.87
N ALA A 74 2.01 18.04 7.08
CA ALA A 74 2.46 16.77 6.55
C ALA A 74 1.65 15.56 7.04
N VAL A 75 1.27 15.56 8.32
CA VAL A 75 0.49 14.45 8.85
C VAL A 75 -0.93 14.46 8.28
N VAL A 76 -1.45 15.65 8.01
CA VAL A 76 -2.78 15.79 7.43
C VAL A 76 -2.77 15.37 5.97
N MET A 77 -1.77 15.85 5.22
CA MET A 77 -1.65 15.51 3.81
C MET A 77 -1.43 14.01 3.59
N THR A 78 -0.62 13.42 4.45
CA THR A 78 -0.29 12.01 4.34
C THR A 78 -1.55 11.16 4.56
N SER A 79 -2.27 11.44 5.64
CA SER A 79 -3.49 10.69 5.91
C SER A 79 -4.61 10.98 4.89
N ALA A 80 -4.70 12.22 4.41
CA ALA A 80 -5.68 12.52 3.36
C ALA A 80 -5.39 11.76 2.06
N GLN A 81 -4.11 11.60 1.73
CA GLN A 81 -3.72 10.88 0.52
C GLN A 81 -4.05 9.39 0.61
N ILE A 82 -4.00 8.85 1.82
CA ILE A 82 -4.46 7.48 2.05
C ILE A 82 -5.95 7.37 1.68
N THR A 83 -6.76 8.30 2.16
CA THR A 83 -8.18 8.32 1.83
C THR A 83 -8.43 8.47 0.34
N MET A 84 -7.72 9.42 -0.28
CA MET A 84 -7.85 9.67 -1.71
C MET A 84 -7.59 8.43 -2.58
N GLY A 85 -6.56 7.67 -2.23
CA GLY A 85 -6.14 6.56 -3.06
C GLY A 85 -6.85 5.24 -2.81
N MET A 86 -7.54 5.14 -1.67
CA MET A 86 -8.21 3.88 -1.31
C MET A 86 -9.07 3.26 -2.43
N PRO A 87 -9.98 4.04 -3.06
CA PRO A 87 -10.76 3.39 -4.12
C PRO A 87 -9.93 2.86 -5.28
N TYR A 88 -8.86 3.56 -5.64
CA TYR A 88 -7.95 3.10 -6.69
C TYR A 88 -7.25 1.81 -6.29
N ALA A 89 -6.85 1.75 -5.03
CA ALA A 89 -6.09 0.59 -4.55
C ALA A 89 -6.94 -0.67 -4.40
N VAL A 90 -8.16 -0.56 -3.86
CA VAL A 90 -9.03 -1.74 -3.78
C VAL A 90 -9.40 -2.23 -5.17
N THR A 91 -9.71 -1.29 -6.05
CA THR A 91 -10.11 -1.64 -7.41
C THR A 91 -9.00 -2.44 -8.06
N ASP A 92 -7.76 -1.94 -7.98
CA ASP A 92 -6.63 -2.64 -8.58
C ASP A 92 -6.42 -4.03 -7.98
N ALA A 93 -6.52 -4.11 -6.65
CA ALA A 93 -6.35 -5.37 -5.95
C ALA A 93 -7.39 -6.43 -6.37
N VAL A 94 -8.65 -6.06 -6.47
CA VAL A 94 -9.67 -7.04 -6.87
C VAL A 94 -9.58 -7.39 -8.38
N LEU A 95 -9.11 -6.45 -9.18
CA LEU A 95 -8.99 -6.68 -10.62
C LEU A 95 -7.77 -7.54 -10.99
N ALA A 96 -6.71 -7.40 -10.21
CA ALA A 96 -5.42 -8.05 -10.52
C ALA A 96 -5.46 -9.55 -10.90
N PRO A 97 -6.18 -10.39 -10.14
CA PRO A 97 -6.20 -11.82 -10.49
C PRO A 97 -6.90 -12.11 -11.82
N HIS A 98 -7.70 -11.16 -12.32
CA HIS A 98 -8.38 -11.36 -13.59
C HIS A 98 -7.51 -11.02 -14.80
N ILE A 99 -6.32 -10.47 -14.58
CA ILE A 99 -5.48 -9.98 -15.68
C ILE A 99 -4.45 -11.02 -16.09
N GLY A 100 -4.44 -11.39 -17.37
CA GLY A 100 -3.49 -12.36 -17.87
C GLY A 100 -2.35 -11.70 -18.62
N GLY A 101 -1.71 -12.46 -19.51
CA GLY A 101 -0.61 -11.93 -20.29
C GLY A 101 -1.07 -11.11 -21.47
N GLU A 102 -0.13 -10.46 -22.14
CA GLU A 102 -0.44 -9.61 -23.30
C GLU A 102 -1.10 -10.39 -24.43
N ALA A 103 -1.96 -9.70 -25.18
CA ALA A 103 -2.59 -10.28 -26.36
C ALA A 103 -1.98 -9.68 -27.63
N PRO A 109 -6.66 -6.36 -33.50
CA PRO A 109 -8.04 -6.85 -33.44
C PRO A 109 -8.77 -6.29 -32.21
N PRO A 110 -10.06 -5.94 -32.37
CA PRO A 110 -10.84 -5.34 -31.27
C PRO A 110 -10.91 -6.22 -30.03
N PRO A 111 -10.91 -5.59 -28.83
CA PRO A 111 -11.01 -6.26 -27.53
C PRO A 111 -12.45 -6.54 -27.12
N ALA A 112 -12.66 -7.59 -26.35
CA ALA A 112 -14.00 -7.98 -25.90
C ALA A 112 -14.59 -6.93 -24.95
N LEU A 113 -13.72 -6.30 -24.17
CA LEU A 113 -14.16 -5.27 -23.23
C LEU A 113 -13.07 -4.22 -23.07
N THR A 114 -13.49 -2.97 -23.09
CA THR A 114 -12.63 -1.85 -22.80
C THR A 114 -13.04 -1.21 -21.50
N LEU A 115 -12.12 -1.22 -20.55
CA LEU A 115 -12.35 -0.69 -19.22
C LEU A 115 -11.63 0.64 -19.12
N ILE A 116 -12.38 1.73 -18.98
CA ILE A 116 -11.79 3.06 -18.88
C ILE A 116 -11.88 3.64 -17.47
N PHE A 117 -10.73 3.85 -16.84
CA PHE A 117 -10.70 4.33 -15.46
C PHE A 117 -10.45 5.83 -15.36
N ASP A 118 -11.09 6.46 -14.39
CA ASP A 118 -10.74 7.79 -13.99
C ASP A 118 -9.59 7.68 -12.98
N ARG A 119 -8.37 7.82 -13.49
CA ARG A 119 -7.11 7.71 -12.72
C ARG A 119 -6.57 6.32 -12.40
N HIS A 120 -5.26 6.28 -12.19
CA HIS A 120 -4.52 5.08 -11.82
C HIS A 120 -4.09 5.28 -10.38
N PRO A 121 -3.85 4.18 -9.63
CA PRO A 121 -3.28 4.31 -8.27
C PRO A 121 -2.06 5.24 -8.13
N ILE A 122 -1.20 5.34 -9.14
CA ILE A 122 -0.05 6.24 -8.99
C ILE A 122 -0.40 7.72 -8.78
N ALA A 123 -1.60 8.13 -9.16
CA ALA A 123 -2.02 9.53 -8.93
C ALA A 123 -1.98 9.86 -7.45
N ALA A 124 -2.48 8.94 -6.64
CA ALA A 124 -2.61 9.14 -5.21
C ALA A 124 -1.43 8.57 -4.42
N LEU A 125 -0.69 7.64 -5.01
CA LEU A 125 0.44 7.02 -4.32
C LEU A 125 1.79 7.58 -4.79
N LEU A 126 1.79 8.46 -5.77
CA LEU A 126 3.06 9.01 -6.27
C LEU A 126 2.95 10.48 -6.63
N CYS A 127 2.05 10.80 -7.55
CA CYS A 127 2.05 12.11 -8.20
C CYS A 127 1.57 13.26 -7.32
N TYR A 128 0.39 13.12 -6.74
CA TYR A 128 -0.08 14.13 -5.78
C TYR A 128 0.75 14.21 -4.50
N PRO A 129 1.18 13.06 -3.94
CA PRO A 129 2.15 13.14 -2.82
C PRO A 129 3.46 13.87 -3.18
N ALA A 130 3.98 13.64 -4.38
CA ALA A 130 5.19 14.30 -4.82
C ALA A 130 4.98 15.81 -4.99
N ALA A 131 3.81 16.20 -5.50
CA ALA A 131 3.49 17.61 -5.67
C ALA A 131 3.40 18.29 -4.30
N ARG A 132 2.76 17.63 -3.35
CA ARG A 132 2.68 18.15 -1.99
C ARG A 132 4.07 18.25 -1.34
N TYR A 133 4.96 17.30 -1.63
CA TYR A 133 6.35 17.42 -1.19
C TYR A 133 6.93 18.73 -1.74
N LEU A 134 6.68 19.02 -3.02
CA LEU A 134 7.16 20.26 -3.64
C LEU A 134 6.50 21.52 -3.08
N MET A 135 5.34 21.34 -2.45
CA MET A 135 4.60 22.42 -1.81
C MET A 135 4.96 22.53 -0.33
N GLY A 136 5.91 21.70 0.10
CA GLY A 136 6.39 21.75 1.48
C GLY A 136 5.40 21.19 2.49
N SER A 137 4.41 20.43 2.01
CA SER A 137 3.38 19.89 2.90
C SER A 137 3.37 18.36 3.01
N MET A 138 4.42 17.71 2.50
CA MET A 138 4.64 16.27 2.71
CA MET A 138 4.64 16.29 2.76
C MET A 138 6.13 15.97 2.77
N THR A 139 6.55 15.11 3.71
CA THR A 139 7.96 14.71 3.77
C THR A 139 8.30 13.78 2.61
N PRO A 140 9.54 13.87 2.09
CA PRO A 140 9.94 12.96 1.01
C PRO A 140 10.01 11.49 1.47
N GLN A 141 10.16 11.25 2.77
CA GLN A 141 10.05 9.88 3.32
C GLN A 141 8.64 9.29 3.18
N ALA A 142 7.62 10.08 3.44
CA ALA A 142 6.24 9.61 3.25
C ALA A 142 5.92 9.33 1.79
N VAL A 143 6.42 10.18 0.89
CA VAL A 143 6.29 9.92 -0.54
C VAL A 143 6.87 8.54 -0.92
N LEU A 144 8.08 8.23 -0.44
CA LEU A 144 8.69 6.94 -0.78
C LEU A 144 7.99 5.77 -0.10
N ALA A 145 7.36 6.02 1.04
CA ALA A 145 6.52 5.00 1.68
C ALA A 145 5.30 4.65 0.82
N PHE A 146 4.69 5.68 0.23
CA PHE A 146 3.61 5.47 -0.73
C PHE A 146 4.12 4.75 -1.97
N VAL A 147 5.29 5.14 -2.46
CA VAL A 147 5.89 4.49 -3.65
C VAL A 147 6.13 2.99 -3.38
N ALA A 148 6.52 2.68 -2.15
CA ALA A 148 6.82 1.29 -1.80
C ALA A 148 5.56 0.42 -1.86
N LEU A 149 4.41 1.06 -1.83
CA LEU A 149 3.12 0.33 -1.85
C LEU A 149 2.40 0.42 -3.17
N ILE A 150 3.06 0.96 -4.19
CA ILE A 150 2.46 1.00 -5.52
C ILE A 150 2.30 -0.44 -5.99
N PRO A 151 1.08 -0.83 -6.35
CA PRO A 151 0.88 -2.23 -6.76
C PRO A 151 1.74 -2.57 -7.97
N PRO A 152 2.14 -3.84 -8.09
CA PRO A 152 2.90 -4.36 -9.23
C PRO A 152 2.24 -3.93 -10.53
N THR A 153 3.04 -3.56 -11.52
CA THR A 153 2.48 -3.13 -12.80
C THR A 153 2.11 -4.33 -13.67
N LEU A 154 0.83 -4.49 -13.89
CA LEU A 154 0.29 -5.58 -14.69
C LEU A 154 0.46 -5.29 -16.17
N PRO A 155 0.44 -6.36 -17.00
CA PRO A 155 0.48 -6.17 -18.45
C PRO A 155 -0.68 -5.30 -18.88
N GLY A 156 -0.52 -4.59 -19.99
CA GLY A 156 -1.59 -3.77 -20.53
C GLY A 156 -1.95 -2.58 -19.66
N THR A 157 -0.97 -2.05 -18.93
CA THR A 157 -1.20 -0.84 -18.15
C THR A 157 -1.00 0.42 -19.01
N ASN A 158 -2.09 0.87 -19.64
CA ASN A 158 -2.10 2.02 -20.52
C ASN A 158 -2.55 3.27 -19.78
N ILE A 159 -1.64 4.23 -19.66
CA ILE A 159 -1.93 5.45 -18.93
C ILE A 159 -1.89 6.66 -19.83
N VAL A 160 -2.97 7.43 -19.79
CA VAL A 160 -3.12 8.62 -20.62
C VAL A 160 -2.90 9.84 -19.76
N LEU A 161 -1.93 10.66 -20.15
CA LEU A 161 -1.61 11.91 -19.45
C LEU A 161 -1.96 13.06 -20.40
N GLY A 162 -2.20 14.24 -19.85
CA GLY A 162 -2.66 15.35 -20.67
C GLY A 162 -1.62 16.41 -20.94
N ALA A 163 -1.71 16.98 -22.13
CA ALA A 163 -0.94 18.16 -22.51
C ALA A 163 -1.92 19.32 -22.68
N LEU A 164 -1.55 20.48 -22.15
CA LEU A 164 -2.33 21.70 -22.26
C LEU A 164 -1.44 22.83 -21.81
N PRO A 165 -1.40 23.95 -22.58
CA PRO A 165 -0.66 25.15 -22.17
C PRO A 165 -1.15 25.62 -20.80
N GLU A 166 -0.23 26.11 -19.97
CA GLU A 166 -0.53 26.45 -18.59
C GLU A 166 -1.65 27.47 -18.42
N ASP A 167 -1.69 28.45 -19.33
CA ASP A 167 -2.69 29.52 -19.29
C ASP A 167 -4.07 28.95 -19.53
N ARG A 168 -4.20 28.12 -20.57
CA ARG A 168 -5.46 27.48 -20.88
C ARG A 168 -5.88 26.51 -19.77
N HIS A 169 -4.91 25.87 -19.13
CA HIS A 169 -5.17 24.97 -18.01
C HIS A 169 -5.73 25.75 -16.83
N ILE A 170 -5.08 26.87 -16.50
CA ILE A 170 -5.56 27.77 -15.45
C ILE A 170 -7.02 28.17 -15.70
N ASP A 171 -7.31 28.54 -16.96
CA ASP A 171 -8.64 28.97 -17.34
C ASP A 171 -9.68 27.88 -17.09
N ARG A 172 -9.41 26.70 -17.61
CA ARG A 172 -10.33 25.58 -17.46
C ARG A 172 -10.51 25.18 -15.99
N LEU A 173 -9.42 25.22 -15.23
CA LEU A 173 -9.47 24.83 -13.83
C LEU A 173 -10.29 25.82 -13.01
N ALA A 174 -10.15 27.11 -13.33
CA ALA A 174 -10.90 28.15 -12.62
C ALA A 174 -12.40 27.97 -12.79
N LYS A 175 -12.80 27.39 -13.93
CA LYS A 175 -14.21 27.22 -14.22
C LYS A 175 -14.79 25.88 -13.76
N ARG A 176 -13.94 24.95 -13.31
CA ARG A 176 -14.45 23.72 -12.70
C ARG A 176 -13.69 23.27 -11.46
N GLN A 177 -13.75 24.08 -10.42
CA GLN A 177 -13.20 23.73 -9.12
C GLN A 177 -14.04 22.64 -8.45
N ARG A 178 -13.40 21.74 -7.73
CA ARG A 178 -14.11 20.66 -7.05
C ARG A 178 -14.50 21.13 -5.65
N PRO A 179 -15.47 20.45 -5.01
CA PRO A 179 -15.90 20.90 -3.68
C PRO A 179 -14.74 20.97 -2.69
N GLY A 180 -14.55 22.14 -2.10
CA GLY A 180 -13.48 22.37 -1.15
C GLY A 180 -12.14 22.75 -1.78
N GLU A 181 -12.06 22.72 -3.11
CA GLU A 181 -10.82 23.03 -3.80
C GLU A 181 -10.53 24.52 -3.77
N ARG A 182 -9.27 24.88 -3.61
CA ARG A 182 -8.86 26.27 -3.77
C ARG A 182 -7.98 26.41 -5.00
N LEU A 183 -8.14 27.53 -5.70
CA LEU A 183 -7.37 27.76 -6.92
C LEU A 183 -5.94 28.20 -6.58
N ASP A 184 -5.04 27.22 -6.49
CA ASP A 184 -3.67 27.44 -6.05
C ASP A 184 -2.73 27.27 -7.24
N LEU A 185 -2.11 28.36 -7.68
CA LEU A 185 -1.23 28.33 -8.85
C LEU A 185 0.11 27.66 -8.55
N ALA A 186 0.57 27.77 -7.32
CA ALA A 186 1.75 27.04 -6.88
C ALA A 186 1.49 25.53 -6.98
N MET A 187 0.33 25.06 -6.50
CA MET A 187 -0.01 23.64 -6.62
C MET A 187 -0.19 23.23 -8.08
N LEU A 188 -0.84 24.08 -8.88
CA LEU A 188 -0.99 23.75 -10.30
C LEU A 188 0.37 23.53 -10.94
N ALA A 189 1.32 24.39 -10.59
CA ALA A 189 2.68 24.27 -11.12
C ALA A 189 3.38 23.01 -10.60
N ALA A 190 3.22 22.72 -9.33
CA ALA A 190 3.82 21.52 -8.74
C ALA A 190 3.28 20.26 -9.41
N ILE A 191 1.95 20.17 -9.53
CA ILE A 191 1.35 18.98 -10.13
C ILE A 191 1.68 18.85 -11.62
N ARG A 192 1.70 19.98 -12.35
CA ARG A 192 2.10 19.92 -13.77
C ARG A 192 3.55 19.45 -13.91
N ARG A 193 4.44 19.94 -13.05
CA ARG A 193 5.85 19.54 -13.11
C ARG A 193 6.01 18.05 -12.81
N VAL A 194 5.35 17.59 -11.75
CA VAL A 194 5.41 16.17 -11.39
C VAL A 194 4.97 15.26 -12.55
N TYR A 195 3.86 15.59 -13.23
CA TYR A 195 3.43 14.75 -14.34
C TYR A 195 4.35 14.84 -15.56
N GLY A 196 4.96 16.00 -15.76
CA GLY A 196 5.95 16.15 -16.82
C GLY A 196 7.17 15.30 -16.48
N LEU A 197 7.62 15.36 -15.23
CA LEU A 197 8.73 14.51 -14.77
C LEU A 197 8.37 13.03 -14.89
N LEU A 198 7.11 12.68 -14.61
CA LEU A 198 6.65 11.31 -14.72
C LEU A 198 6.80 10.79 -16.14
N ALA A 199 6.30 11.56 -17.10
CA ALA A 199 6.43 11.19 -18.50
C ALA A 199 7.90 11.00 -18.89
N ASN A 200 8.77 11.92 -18.47
CA ASN A 200 10.19 11.82 -18.79
C ASN A 200 10.82 10.60 -18.14
N THR A 201 10.32 10.28 -16.94
CA THR A 201 10.85 9.17 -16.18
C THR A 201 10.58 7.84 -16.89
N VAL A 202 9.36 7.67 -17.40
CA VAL A 202 9.03 6.44 -18.11
C VAL A 202 9.93 6.26 -19.35
N ARG A 203 10.10 7.34 -20.11
CA ARG A 203 11.03 7.35 -21.25
C ARG A 203 12.47 7.02 -20.84
N TYR A 204 12.99 7.73 -19.85
CA TYR A 204 14.33 7.48 -19.33
C TYR A 204 14.53 5.98 -19.05
N LEU A 205 13.58 5.41 -18.32
CA LEU A 205 13.62 4.00 -17.96
C LEU A 205 13.52 3.10 -19.19
N GLN A 206 12.60 3.41 -20.08
CA GLN A 206 12.35 2.53 -21.23
C GLN A 206 13.50 2.55 -22.22
N CYS A 207 14.26 3.66 -22.23
CA CYS A 207 15.48 3.76 -23.04
C CYS A 207 16.72 3.21 -22.33
N GLY A 208 16.50 2.48 -21.25
CA GLY A 208 17.59 1.79 -20.57
C GLY A 208 18.26 2.57 -19.46
N GLY A 209 17.67 3.67 -19.04
CA GLY A 209 18.25 4.48 -17.96
C GLY A 209 18.36 3.76 -16.62
N SER A 210 19.51 3.91 -15.98
CA SER A 210 19.77 3.29 -14.69
C SER A 210 20.01 4.39 -13.67
N TRP A 211 19.06 4.59 -12.75
CA TRP A 211 19.15 5.72 -11.84
C TRP A 211 20.41 5.66 -10.96
N ARG A 212 20.77 4.47 -10.51
CA ARG A 212 21.98 4.28 -9.69
C ARG A 212 23.25 4.71 -10.43
N GLU A 213 23.32 4.44 -11.72
CA GLU A 213 24.46 4.84 -12.53
C GLU A 213 24.53 6.35 -12.75
N ASP A 214 23.39 7.00 -12.92
CA ASP A 214 23.36 8.43 -13.23
C ASP A 214 23.21 9.33 -12.00
N TRP A 215 23.02 8.72 -10.84
CA TRP A 215 22.75 9.46 -9.61
C TRP A 215 23.76 10.58 -9.31
N GLY A 216 25.05 10.27 -9.49
CA GLY A 216 26.10 11.25 -9.28
C GLY A 216 25.95 12.51 -10.11
N GLN A 217 25.23 12.40 -11.22
CA GLN A 217 25.05 13.55 -12.11
C GLN A 217 24.09 14.60 -11.54
N LEU A 218 23.39 14.25 -10.46
CA LEU A 218 22.49 15.20 -9.82
C LEU A 218 23.27 16.22 -9.00
N SER A 219 24.54 15.91 -8.75
CA SER A 219 25.40 16.78 -7.96
C SER A 219 26.60 17.26 -8.77
N GLY A 220 26.61 16.94 -10.05
CA GLY A 220 27.68 17.36 -10.95
C GLY A 220 27.14 18.23 -12.08
N PRO A 236 19.96 7.39 -26.03
CA PRO A 236 19.55 8.79 -25.80
C PRO A 236 18.25 8.86 -25.00
N ARG A 237 18.29 9.63 -23.93
CA ARG A 237 17.22 9.62 -22.94
C ARG A 237 17.27 10.93 -22.19
N PRO A 238 16.21 11.25 -21.43
CA PRO A 238 16.31 12.46 -20.61
C PRO A 238 17.45 12.41 -19.60
N HIS A 239 17.95 13.58 -19.23
CA HIS A 239 18.85 13.71 -18.11
C HIS A 239 18.08 13.34 -16.86
N ILE A 240 18.75 12.71 -15.90
CA ILE A 240 18.11 12.23 -14.68
C ILE A 240 17.54 13.41 -13.90
N GLY A 241 18.16 14.57 -14.08
CA GLY A 241 17.68 15.80 -13.48
C GLY A 241 16.31 16.19 -14.00
N ASP A 242 15.91 15.62 -15.13
CA ASP A 242 14.60 15.88 -15.70
C ASP A 242 13.62 14.73 -15.47
N THR A 243 13.89 13.89 -14.48
CA THR A 243 13.01 12.76 -14.14
C THR A 243 12.61 12.88 -12.68
N LEU A 244 11.73 11.98 -12.22
CA LEU A 244 11.29 12.00 -10.81
C LEU A 244 12.41 11.74 -9.82
N PHE A 245 13.49 11.13 -10.27
CA PHE A 245 14.57 10.77 -9.37
C PHE A 245 15.22 12.01 -8.77
N THR A 246 15.14 13.13 -9.49
CA THR A 246 15.78 14.37 -9.02
C THR A 246 15.13 14.83 -7.71
N LEU A 247 13.84 14.51 -7.53
CA LEU A 247 13.12 14.93 -6.33
C LEU A 247 13.69 14.29 -5.07
N PHE A 248 14.26 13.11 -5.24
CA PHE A 248 14.66 12.32 -4.11
C PHE A 248 16.13 12.49 -3.74
N ARG A 249 16.73 13.54 -4.28
CA ARG A 249 18.00 14.05 -3.78
C ARG A 249 17.74 14.94 -2.55
N ALA A 250 16.55 14.82 -1.99
CA ALA A 250 16.18 15.53 -0.77
C ALA A 250 17.11 15.13 0.39
N PRO A 251 17.56 16.13 1.16
CA PRO A 251 18.54 15.91 2.22
C PRO A 251 18.03 15.04 3.36
N GLU A 252 16.72 15.02 3.56
CA GLU A 252 16.10 14.11 4.54
C GLU A 252 16.44 12.64 4.25
N LEU A 253 16.72 12.36 2.98
CA LEU A 253 16.92 10.98 2.56
C LEU A 253 18.39 10.58 2.55
N LEU A 254 19.26 11.50 2.94
CA LEU A 254 20.70 11.29 2.82
C LEU A 254 21.40 11.15 4.16
N ALA A 255 22.37 10.24 4.20
CA ALA A 255 23.29 10.10 5.32
C ALA A 255 24.20 11.34 5.43
N PRO A 256 24.91 11.49 6.58
CA PRO A 256 25.82 12.63 6.75
C PRO A 256 26.89 12.73 5.67
N ASN A 257 27.23 11.61 5.03
CA ASN A 257 28.20 11.65 3.94
C ASN A 257 27.58 11.88 2.57
N GLY A 258 26.28 12.12 2.56
CA GLY A 258 25.58 12.46 1.34
C GLY A 258 24.99 11.28 0.58
N ASP A 259 25.28 10.06 1.02
CA ASP A 259 24.76 8.87 0.35
C ASP A 259 23.28 8.69 0.70
N LEU A 260 22.48 8.27 -0.28
CA LEU A 260 21.11 7.87 -0.04
C LEU A 260 21.13 6.66 0.88
N TYR A 261 20.34 6.65 1.95
CA TYR A 261 20.13 5.41 2.69
C TYR A 261 19.56 4.33 1.77
N ASN A 262 19.94 3.09 2.04
CA ASN A 262 19.53 1.97 1.23
C ASN A 262 18.02 1.78 1.17
N VAL A 263 17.35 2.02 2.29
CA VAL A 263 15.92 1.88 2.37
C VAL A 263 15.19 2.79 1.35
N PHE A 264 15.77 3.96 1.07
CA PHE A 264 15.19 4.89 0.10
C PHE A 264 15.64 4.52 -1.31
N ALA A 265 16.87 4.06 -1.41
CA ALA A 265 17.38 3.54 -2.67
C ALA A 265 16.53 2.34 -3.15
N TRP A 266 16.17 1.46 -2.23
CA TRP A 266 15.28 0.36 -2.59
C TRP A 266 13.92 0.86 -3.06
N ALA A 267 13.41 1.92 -2.44
CA ALA A 267 12.13 2.48 -2.90
C ALA A 267 12.23 3.04 -4.32
N LEU A 268 13.38 3.60 -4.67
CA LEU A 268 13.63 4.08 -6.03
C LEU A 268 13.75 2.92 -7.04
N ASP A 269 14.28 1.77 -6.60
CA ASP A 269 14.31 0.59 -7.44
C ASP A 269 12.87 0.14 -7.74
N VAL A 270 12.03 0.15 -6.71
CA VAL A 270 10.61 -0.14 -6.88
C VAL A 270 9.97 0.85 -7.84
N LEU A 271 10.22 2.15 -7.63
CA LEU A 271 9.69 3.17 -8.54
C LEU A 271 10.05 2.86 -10.00
N ALA A 272 11.31 2.53 -10.24
CA ALA A 272 11.78 2.23 -11.58
C ALA A 272 11.07 1.02 -12.18
N LYS A 273 10.93 -0.03 -11.38
CA LYS A 273 10.28 -1.27 -11.83
C LYS A 273 8.80 -1.02 -12.13
N ARG A 274 8.12 -0.26 -11.27
CA ARG A 274 6.71 0.04 -11.51
C ARG A 274 6.49 0.90 -12.76
N LEU A 275 7.35 1.89 -12.98
CA LEU A 275 7.15 2.86 -14.07
C LEU A 275 7.59 2.34 -15.43
N ARG A 276 8.65 1.53 -15.46
CA ARG A 276 9.23 1.14 -16.74
C ARG A 276 8.23 0.40 -17.65
N SER A 277 7.40 -0.45 -17.07
CA SER A 277 6.50 -1.25 -17.90
C SER A 277 5.13 -0.61 -18.15
N MET A 278 4.98 0.66 -17.77
CA MET A 278 3.77 1.39 -18.12
C MET A 278 3.81 1.92 -19.56
N HIS A 279 2.68 1.87 -20.23
CA HIS A 279 2.58 2.40 -21.59
C HIS A 279 1.88 3.75 -21.52
N VAL A 280 2.62 4.81 -21.82
CA VAL A 280 2.14 6.18 -21.65
C VAL A 280 1.65 6.78 -22.97
N PHE A 281 0.51 7.45 -22.93
CA PHE A 281 -0.04 8.08 -24.11
C PHE A 281 -0.42 9.50 -23.72
N ILE A 282 -0.10 10.46 -24.59
CA ILE A 282 -0.35 11.86 -24.29
C ILE A 282 -1.61 12.33 -25.06
N LEU A 283 -2.60 12.81 -24.32
CA LEU A 283 -3.83 13.35 -24.90
C LEU A 283 -3.76 14.87 -24.89
N ASP A 284 -3.87 15.45 -26.07
CA ASP A 284 -3.90 16.91 -26.22
C ASP A 284 -5.29 17.40 -25.83
N TYR A 285 -5.39 18.16 -24.73
CA TYR A 285 -6.70 18.63 -24.27
C TYR A 285 -7.09 19.96 -24.88
N ASP A 286 -6.16 20.56 -25.61
CA ASP A 286 -6.38 21.86 -26.23
C ASP A 286 -7.27 21.73 -27.47
N GLN A 287 -8.47 21.23 -27.25
CA GLN A 287 -9.45 21.06 -28.30
C GLN A 287 -10.81 20.91 -27.63
N SER A 288 -11.82 20.58 -28.43
CA SER A 288 -13.20 20.47 -27.95
C SER A 288 -13.40 19.15 -27.21
N PRO A 289 -14.42 19.08 -26.34
CA PRO A 289 -14.74 17.84 -25.65
C PRO A 289 -14.93 16.67 -26.62
N ALA A 290 -15.57 16.94 -27.75
CA ALA A 290 -15.79 15.90 -28.76
C ALA A 290 -14.47 15.50 -29.42
N GLY A 291 -13.62 16.48 -29.68
CA GLY A 291 -12.30 16.21 -30.19
C GLY A 291 -11.54 15.30 -29.25
N CYS A 292 -11.51 15.68 -27.97
CA CYS A 292 -10.84 14.89 -26.93
C CYS A 292 -11.31 13.45 -26.91
N ARG A 293 -12.61 13.26 -27.05
CA ARG A 293 -13.16 11.91 -27.06
C ARG A 293 -12.65 11.09 -28.24
N ASP A 294 -12.59 11.71 -29.41
CA ASP A 294 -12.17 11.03 -30.62
C ASP A 294 -10.69 10.69 -30.53
N ALA A 295 -9.92 11.66 -30.08
CA ALA A 295 -8.49 11.48 -29.86
C ALA A 295 -8.23 10.30 -28.93
N LEU A 296 -9.00 10.21 -27.85
CA LEU A 296 -8.81 9.09 -26.92
C LEU A 296 -9.08 7.75 -27.61
N LEU A 297 -10.14 7.67 -28.41
CA LEU A 297 -10.48 6.43 -29.10
C LEU A 297 -9.35 5.96 -30.03
N GLN A 298 -8.84 6.88 -30.83
CA GLN A 298 -7.76 6.59 -31.76
C GLN A 298 -6.49 6.15 -31.04
N LEU A 299 -6.19 6.82 -29.94
CA LEU A 299 -5.08 6.47 -29.05
C LEU A 299 -5.11 5.00 -28.65
N THR A 300 -6.31 4.42 -28.59
CA THR A 300 -6.44 3.04 -28.16
C THR A 300 -5.88 2.08 -29.19
N SER A 301 -5.69 2.56 -30.43
CA SER A 301 -5.09 1.75 -31.49
C SER A 301 -3.67 1.30 -31.15
N GLY A 302 -2.95 2.11 -30.38
CA GLY A 302 -1.60 1.76 -29.96
C GLY A 302 -1.51 1.27 -28.52
N MET A 303 -2.65 1.02 -27.90
CA MET A 303 -2.66 0.52 -26.53
C MET A 303 -2.56 -1.00 -26.48
N VAL A 304 -2.01 -1.49 -25.37
CA VAL A 304 -1.75 -2.91 -25.20
C VAL A 304 -2.90 -3.64 -24.50
N GLN A 305 -3.42 -4.67 -25.16
CA GLN A 305 -4.51 -5.47 -24.61
C GLN A 305 -3.93 -6.69 -23.92
N THR A 306 -4.68 -7.25 -22.99
CA THR A 306 -4.26 -8.48 -22.36
C THR A 306 -5.38 -9.50 -22.46
N HIS A 307 -5.09 -10.74 -22.11
CA HIS A 307 -6.13 -11.73 -21.92
C HIS A 307 -6.62 -11.63 -20.48
N VAL A 308 -7.83 -12.12 -20.25
CA VAL A 308 -8.28 -12.30 -18.89
C VAL A 308 -7.99 -13.74 -18.51
N THR A 309 -8.14 -14.09 -17.25
CA THR A 309 -7.69 -15.38 -16.77
C THR A 309 -8.79 -16.44 -16.69
N THR A 310 -10.05 -16.02 -16.69
CA THR A 310 -11.17 -16.97 -16.62
C THR A 310 -12.32 -16.53 -17.53
N PRO A 311 -13.16 -17.50 -17.96
CA PRO A 311 -14.31 -17.14 -18.81
C PRO A 311 -15.28 -16.20 -18.10
N GLY A 312 -15.37 -16.31 -16.78
CA GLY A 312 -16.22 -15.44 -16.00
C GLY A 312 -15.61 -14.08 -15.64
N SER A 313 -14.38 -13.85 -16.07
CA SER A 313 -13.69 -12.59 -15.78
C SER A 313 -14.37 -11.36 -16.39
N ILE A 314 -14.73 -11.43 -17.67
CA ILE A 314 -15.40 -10.30 -18.29
C ILE A 314 -16.66 -9.82 -17.54
N PRO A 315 -17.62 -10.72 -17.27
CA PRO A 315 -18.82 -10.22 -16.57
C PRO A 315 -18.55 -9.75 -15.14
N THR A 316 -17.60 -10.40 -14.46
CA THR A 316 -17.19 -9.95 -13.13
C THR A 316 -16.64 -8.52 -13.17
N ILE A 317 -15.73 -8.26 -14.11
CA ILE A 317 -15.15 -6.92 -14.29
C ILE A 317 -16.23 -5.86 -14.49
N CYS A 318 -17.13 -6.12 -15.44
CA CYS A 318 -18.28 -5.24 -15.72
C CYS A 318 -19.06 -4.90 -14.47
N ASP A 319 -19.38 -5.94 -13.70
CA ASP A 319 -20.12 -5.79 -12.45
C ASP A 319 -19.38 -4.87 -11.47
N LEU A 320 -18.11 -5.13 -11.27
CA LEU A 320 -17.25 -4.32 -10.41
C LEU A 320 -17.36 -2.85 -10.83
N ALA A 321 -17.12 -2.60 -12.11
CA ALA A 321 -17.12 -1.26 -12.65
C ALA A 321 -18.45 -0.54 -12.46
N ARG A 322 -19.54 -1.23 -12.79
CA ARG A 322 -20.88 -0.68 -12.66
C ARG A 322 -21.19 -0.36 -11.19
N THR A 323 -20.85 -1.31 -10.33
CA THR A 323 -21.06 -1.13 -8.89
C THR A 323 -20.27 0.07 -8.36
N PHE A 324 -19.00 0.16 -8.74
CA PHE A 324 -18.13 1.30 -8.37
C PHE A 324 -18.80 2.61 -8.75
N ALA A 325 -19.17 2.72 -10.02
CA ALA A 325 -19.78 3.93 -10.56
C ALA A 325 -21.01 4.34 -9.76
N ARG A 326 -21.94 3.39 -9.61
CA ARG A 326 -23.20 3.65 -8.93
C ARG A 326 -22.97 4.08 -7.46
N GLU A 327 -22.00 3.46 -6.81
CA GLU A 327 -21.78 3.75 -5.41
C GLU A 327 -20.94 4.99 -5.15
N MET A 328 -19.86 5.16 -5.90
CA MET A 328 -18.91 6.23 -5.59
C MET A 328 -18.81 7.32 -6.66
N GLY A 329 -19.40 7.07 -7.82
CA GLY A 329 -19.46 8.10 -8.85
C GLY A 329 -20.48 9.16 -8.45
N GLU A 330 -20.15 10.42 -8.72
CA GLU A 330 -21.03 11.53 -8.36
C GLU A 330 -22.25 11.59 -9.28
N MET B 2 16.85 -25.61 -8.44
CA MET B 2 17.19 -24.38 -7.73
C MET B 2 17.45 -24.60 -6.25
N PRO B 3 18.29 -23.75 -5.63
CA PRO B 3 18.44 -23.78 -4.17
C PRO B 3 17.14 -23.31 -3.52
N THR B 4 16.85 -23.77 -2.32
CA THR B 4 15.60 -23.38 -1.67
C THR B 4 15.80 -22.41 -0.52
N LEU B 5 14.74 -21.67 -0.22
CA LEU B 5 14.75 -20.62 0.78
C LEU B 5 13.64 -20.85 1.79
N LEU B 6 13.94 -20.65 3.07
CA LEU B 6 12.90 -20.65 4.08
C LEU B 6 12.76 -19.24 4.65
N ARG B 7 11.58 -18.66 4.51
CA ARG B 7 11.27 -17.36 5.07
C ARG B 7 10.38 -17.53 6.29
N VAL B 8 10.79 -16.96 7.43
CA VAL B 8 9.99 -17.01 8.63
C VAL B 8 9.80 -15.63 9.21
N TYR B 9 8.55 -15.21 9.34
CA TYR B 9 8.21 -13.91 9.94
C TYR B 9 7.75 -14.13 11.38
N ILE B 10 8.52 -13.59 12.33
CA ILE B 10 8.15 -13.68 13.73
C ILE B 10 7.32 -12.44 14.03
N ASP B 11 6.07 -12.64 14.44
CA ASP B 11 5.15 -11.52 14.60
C ASP B 11 4.28 -11.72 15.84
N GLY B 12 3.23 -10.94 15.97
CA GLY B 12 2.40 -11.02 17.16
C GLY B 12 2.62 -9.82 18.03
N PRO B 13 1.96 -9.77 19.20
CA PRO B 13 2.07 -8.58 20.05
C PRO B 13 3.49 -8.37 20.52
N HIS B 14 3.85 -7.10 20.73
CA HIS B 14 5.13 -6.77 21.30
C HIS B 14 5.18 -7.27 22.74
N GLY B 15 6.39 -7.47 23.26
CA GLY B 15 6.60 -7.76 24.66
C GLY B 15 6.43 -9.19 25.09
N MET B 16 6.47 -10.15 24.15
CA MET B 16 6.34 -11.55 24.51
C MET B 16 7.68 -12.30 24.56
N GLY B 17 8.69 -11.76 23.90
CA GLY B 17 10.00 -12.39 23.84
C GLY B 17 10.41 -12.76 22.43
N LYS B 18 9.72 -12.19 21.44
CA LYS B 18 10.00 -12.47 20.02
C LYS B 18 11.46 -12.26 19.64
N THR B 19 11.99 -11.11 20.01
CA THR B 19 13.34 -10.72 19.59
C THR B 19 14.40 -11.63 20.19
N THR B 20 14.32 -11.86 21.49
CA THR B 20 15.26 -12.77 22.14
C THR B 20 15.21 -14.16 21.51
N THR B 21 14.00 -14.67 21.32
CA THR B 21 13.81 -16.00 20.75
C THR B 21 14.44 -16.09 19.37
N THR B 22 14.23 -15.04 18.58
CA THR B 22 14.74 -15.01 17.22
C THR B 22 16.26 -15.01 17.21
N GLN B 23 16.83 -14.15 18.04
CA GLN B 23 18.28 -14.02 18.12
C GLN B 23 18.92 -15.35 18.54
N LEU B 24 18.31 -16.01 19.52
CA LEU B 24 18.80 -17.31 19.97
C LEU B 24 18.79 -18.35 18.86
N LEU B 25 17.75 -18.34 18.03
CA LEU B 25 17.67 -19.29 16.92
C LEU B 25 18.77 -19.01 15.89
N VAL B 26 18.89 -17.75 15.51
CA VAL B 26 19.98 -17.30 14.65
C VAL B 26 21.36 -17.73 15.18
N ALA B 27 21.54 -17.63 16.50
CA ALA B 27 22.81 -18.01 17.13
C ALA B 27 23.15 -19.51 16.97
N LEU B 28 22.14 -20.34 16.75
CA LEU B 28 22.36 -21.77 16.57
C LEU B 28 23.06 -22.04 15.25
N GLY B 29 22.92 -21.12 14.30
CA GLY B 29 23.43 -21.37 12.97
C GLY B 29 24.84 -20.87 12.75
N SER B 30 25.51 -21.46 11.76
CA SER B 30 26.72 -20.87 11.23
C SER B 30 26.30 -19.55 10.58
N ARG B 31 27.23 -18.59 10.53
CA ARG B 31 26.92 -17.22 10.11
C ARG B 31 26.09 -17.12 8.82
N ASP B 32 26.44 -17.92 7.81
CA ASP B 32 25.86 -17.78 6.48
C ASP B 32 24.58 -18.57 6.20
N ASP B 33 24.25 -19.56 7.02
CA ASP B 33 23.06 -20.38 6.71
C ASP B 33 21.73 -19.76 7.17
N ILE B 34 21.82 -18.71 7.99
CA ILE B 34 20.64 -17.99 8.45
C ILE B 34 20.93 -16.49 8.61
N VAL B 35 20.01 -15.65 8.13
CA VAL B 35 20.17 -14.20 8.27
C VAL B 35 18.94 -13.55 8.90
N TYR B 36 19.17 -12.60 9.79
CA TYR B 36 18.12 -11.94 10.53
C TYR B 36 17.84 -10.56 9.92
N VAL B 37 16.58 -10.32 9.56
CA VAL B 37 16.13 -8.98 9.21
C VAL B 37 15.45 -8.39 10.45
N PRO B 38 16.17 -7.53 11.20
CA PRO B 38 15.75 -7.09 12.52
C PRO B 38 14.71 -5.97 12.51
N GLU B 39 14.27 -5.59 13.71
CA GLU B 39 13.37 -4.47 13.89
C GLU B 39 14.05 -3.19 13.39
N PRO B 40 13.41 -2.49 12.42
CA PRO B 40 14.05 -1.32 11.80
C PRO B 40 13.90 -0.07 12.67
N MET B 41 14.39 -0.15 13.91
CA MET B 41 14.24 0.90 14.92
C MET B 41 14.87 2.23 14.50
N THR B 42 15.97 2.15 13.78
CA THR B 42 16.65 3.35 13.29
C THR B 42 15.77 4.11 12.30
N TYR B 43 15.05 3.38 11.45
CA TYR B 43 14.13 4.03 10.52
C TYR B 43 13.08 4.80 11.29
N TRP B 44 12.50 4.13 12.29
CA TRP B 44 11.36 4.65 13.05
C TRP B 44 11.77 5.84 13.91
N ARG B 45 13.01 5.82 14.39
CA ARG B 45 13.43 6.83 15.34
C ARG B 45 14.09 8.03 14.66
N VAL B 46 14.76 7.77 13.53
CA VAL B 46 15.57 8.79 12.88
C VAL B 46 15.29 8.99 11.39
N LEU B 47 15.48 7.95 10.59
CA LEU B 47 15.47 8.09 9.14
C LEU B 47 14.12 8.45 8.55
N GLY B 48 13.07 7.73 8.93
CA GLY B 48 11.74 7.98 8.41
C GLY B 48 11.04 9.21 8.99
N ALA B 49 11.30 9.45 10.27
CA ALA B 49 10.73 10.58 11.00
C ALA B 49 11.45 10.60 12.34
N SER B 50 11.10 11.55 13.19
CA SER B 50 11.71 11.63 14.51
C SER B 50 10.87 10.92 15.58
N GLU B 51 11.45 9.88 16.20
CA GLU B 51 10.86 9.20 17.36
C GLU B 51 9.40 8.82 17.15
N THR B 52 9.13 7.97 16.15
CA THR B 52 7.76 7.64 15.78
C THR B 52 7.02 6.91 16.90
N ILE B 53 7.72 6.00 17.59
CA ILE B 53 7.11 5.22 18.66
C ILE B 53 6.62 6.16 19.77
N ALA B 54 7.47 7.12 20.12
CA ALA B 54 7.13 8.12 21.14
C ALA B 54 5.94 8.98 20.72
N ASN B 55 5.94 9.42 19.47
CA ASN B 55 4.83 10.21 18.95
C ASN B 55 3.50 9.44 18.99
N ILE B 56 3.56 8.13 18.70
CA ILE B 56 2.39 7.27 18.72
C ILE B 56 1.81 7.15 20.12
N TYR B 57 2.66 6.86 21.10
CA TYR B 57 2.18 6.71 22.47
C TYR B 57 1.73 8.05 23.09
N THR B 58 2.41 9.14 22.74
CA THR B 58 2.00 10.47 23.21
C THR B 58 0.62 10.85 22.69
N THR B 59 0.36 10.55 21.42
CA THR B 59 -0.92 10.85 20.81
C THR B 59 -2.08 10.06 21.43
N GLN B 60 -1.88 8.76 21.65
CA GLN B 60 -2.91 7.95 22.30
C GLN B 60 -3.25 8.52 23.68
N HIS B 61 -2.21 8.80 24.47
CA HIS B 61 -2.39 9.38 25.82
C HIS B 61 -3.17 10.69 25.77
N ARG B 62 -2.78 11.58 24.86
CA ARG B 62 -3.47 12.86 24.70
C ARG B 62 -4.93 12.69 24.30
N LEU B 63 -5.21 11.63 23.54
CA LEU B 63 -6.59 11.31 23.18
C LEU B 63 -7.34 10.82 24.41
N ASP B 64 -6.72 9.92 25.16
CA ASP B 64 -7.34 9.34 26.35
C ASP B 64 -7.52 10.40 27.43
N GLN B 65 -6.75 11.49 27.31
CA GLN B 65 -6.78 12.58 28.27
C GLN B 65 -7.82 13.63 27.89
N GLY B 66 -8.22 13.64 26.62
CA GLY B 66 -9.16 14.63 26.13
C GLY B 66 -8.48 15.88 25.60
N GLU B 67 -7.15 15.87 25.59
CA GLU B 67 -6.37 17.01 25.12
C GLU B 67 -6.46 17.21 23.61
N ILE B 68 -6.84 16.17 22.88
CA ILE B 68 -7.00 16.24 21.43
C ILE B 68 -8.23 15.44 21.00
N SER B 69 -8.77 15.75 19.83
CA SER B 69 -9.94 15.06 19.31
C SER B 69 -9.58 13.70 18.70
N ALA B 70 -10.61 12.93 18.37
CA ALA B 70 -10.41 11.67 17.68
C ALA B 70 -9.87 11.93 16.28
N GLY B 71 -10.45 12.90 15.60
CA GLY B 71 -10.02 13.27 14.26
C GLY B 71 -8.56 13.67 14.22
N ASP B 72 -8.10 14.36 15.26
CA ASP B 72 -6.70 14.74 15.36
C ASP B 72 -5.81 13.52 15.60
N ALA B 73 -6.23 12.66 16.53
CA ALA B 73 -5.50 11.44 16.81
C ALA B 73 -5.41 10.55 15.56
N ALA B 74 -6.51 10.47 14.81
CA ALA B 74 -6.56 9.61 13.62
C ALA B 74 -5.56 10.02 12.53
N VAL B 75 -5.41 11.33 12.28
CA VAL B 75 -4.46 11.76 11.25
C VAL B 75 -3.03 11.43 11.66
N VAL B 76 -2.72 11.58 12.94
CA VAL B 76 -1.39 11.28 13.44
C VAL B 76 -1.09 9.78 13.34
N MET B 77 -2.05 8.96 13.74
CA MET B 77 -1.83 7.51 13.78
C MET B 77 -1.72 6.94 12.38
N THR B 78 -2.57 7.41 11.49
CA THR B 78 -2.55 6.96 10.09
C THR B 78 -1.19 7.30 9.47
N SER B 79 -0.79 8.56 9.63
CA SER B 79 0.50 9.03 9.14
C SER B 79 1.68 8.26 9.75
N ALA B 80 1.63 8.00 11.05
CA ALA B 80 2.69 7.25 11.73
C ALA B 80 2.77 5.80 11.26
N GLN B 81 1.63 5.19 10.96
CA GLN B 81 1.63 3.78 10.51
C GLN B 81 2.25 3.60 9.13
N ILE B 82 2.08 4.58 8.27
CA ILE B 82 2.78 4.61 6.99
C ILE B 82 4.31 4.58 7.21
N THR B 83 4.80 5.36 8.16
CA THR B 83 6.21 5.38 8.49
C THR B 83 6.64 4.05 9.09
N MET B 84 5.84 3.57 10.03
CA MET B 84 6.12 2.29 10.67
C MET B 84 6.30 1.19 9.62
N GLY B 85 5.42 1.18 8.62
CA GLY B 85 5.35 0.07 7.69
C GLY B 85 6.34 0.07 6.54
N MET B 86 6.85 1.25 6.23
CA MET B 86 7.74 1.43 5.08
C MET B 86 8.90 0.41 4.95
N PRO B 87 9.69 0.18 6.02
CA PRO B 87 10.76 -0.83 5.83
C PRO B 87 10.22 -2.22 5.48
N TYR B 88 9.11 -2.62 6.07
CA TYR B 88 8.50 -3.93 5.76
C TYR B 88 8.14 -4.00 4.30
N ALA B 89 7.49 -2.94 3.83
CA ALA B 89 6.94 -2.90 2.47
C ALA B 89 8.05 -2.90 1.43
N VAL B 90 9.11 -2.11 1.64
CA VAL B 90 10.19 -2.11 0.65
C VAL B 90 10.92 -3.42 0.61
N THR B 91 11.21 -3.98 1.77
CA THR B 91 11.88 -5.28 1.84
C THR B 91 11.09 -6.34 1.06
N ASP B 92 9.77 -6.33 1.25
CA ASP B 92 8.93 -7.27 0.52
C ASP B 92 9.05 -7.06 -0.98
N ALA B 93 8.95 -5.80 -1.40
CA ALA B 93 8.99 -5.46 -2.81
C ALA B 93 10.25 -5.94 -3.49
N VAL B 94 11.40 -5.77 -2.85
CA VAL B 94 12.66 -6.15 -3.48
C VAL B 94 12.98 -7.64 -3.34
N LEU B 95 12.37 -8.29 -2.35
CA LEU B 95 12.50 -9.73 -2.18
C LEU B 95 11.71 -10.46 -3.26
N ALA B 96 10.52 -9.93 -3.54
CA ALA B 96 9.53 -10.60 -4.41
C ALA B 96 10.03 -11.27 -5.70
N PRO B 97 10.86 -10.57 -6.51
CA PRO B 97 11.23 -11.21 -7.78
C PRO B 97 12.18 -12.39 -7.60
N HIS B 98 12.71 -12.56 -6.40
CA HIS B 98 13.61 -13.68 -6.12
C HIS B 98 12.89 -14.93 -5.67
N ILE B 99 11.59 -14.82 -5.37
CA ILE B 99 10.87 -15.92 -4.75
C ILE B 99 10.14 -16.77 -5.78
N GLY B 100 10.48 -18.06 -5.83
CA GLY B 100 9.79 -18.98 -6.72
C GLY B 100 8.64 -19.72 -6.07
N GLY B 101 8.29 -20.88 -6.63
CA GLY B 101 7.18 -21.66 -6.12
C GLY B 101 7.54 -22.41 -4.85
N GLU B 102 6.52 -22.89 -4.13
CA GLU B 102 6.75 -23.64 -2.91
C GLU B 102 7.41 -24.97 -3.21
N ALA B 103 8.52 -25.24 -2.52
CA ALA B 103 9.29 -26.45 -2.71
C ALA B 103 8.97 -27.46 -1.63
N ALA B 108 11.52 -32.43 3.36
CA ALA B 108 12.33 -31.61 2.44
C ALA B 108 13.76 -31.42 2.96
N PRO B 109 14.75 -31.52 2.06
CA PRO B 109 16.16 -31.26 2.40
C PRO B 109 16.38 -29.79 2.81
N PRO B 110 17.34 -29.55 3.72
CA PRO B 110 17.61 -28.23 4.31
C PRO B 110 17.63 -27.10 3.28
N PRO B 111 17.13 -25.92 3.67
CA PRO B 111 17.18 -24.78 2.76
C PRO B 111 18.60 -24.25 2.63
N ALA B 112 18.95 -23.74 1.45
CA ALA B 112 20.24 -23.09 1.25
C ALA B 112 20.37 -21.91 2.20
N LEU B 113 19.25 -21.23 2.43
CA LEU B 113 19.25 -20.06 3.29
C LEU B 113 17.93 -19.97 4.06
N THR B 114 18.03 -19.68 5.35
CA THR B 114 16.86 -19.32 6.13
C THR B 114 16.91 -17.81 6.40
N LEU B 115 15.81 -17.13 6.07
CA LEU B 115 15.66 -15.70 6.34
C LEU B 115 14.61 -15.52 7.44
N ILE B 116 15.01 -14.91 8.54
CA ILE B 116 14.09 -14.67 9.65
C ILE B 116 13.81 -13.18 9.79
N PHE B 117 12.53 -12.82 9.85
CA PHE B 117 12.14 -11.41 9.94
C PHE B 117 11.57 -11.08 11.30
N ASP B 118 11.87 -9.87 11.78
CA ASP B 118 11.15 -9.30 12.90
C ASP B 118 9.93 -8.61 12.30
N ARG B 119 8.80 -9.32 12.31
CA ARG B 119 7.51 -8.85 11.77
C ARG B 119 7.32 -8.96 10.25
N HIS B 120 6.07 -9.13 9.87
CA HIS B 120 5.61 -9.14 8.48
C HIS B 120 4.91 -7.79 8.21
N PRO B 121 4.83 -7.36 6.94
CA PRO B 121 4.05 -6.17 6.54
C PRO B 121 2.66 -6.04 7.18
N ILE B 122 1.93 -7.14 7.41
CA ILE B 122 0.60 -7.04 8.00
C ILE B 122 0.60 -6.49 9.43
N ALA B 123 1.74 -6.52 10.10
CA ALA B 123 1.81 -5.91 11.42
C ALA B 123 1.45 -4.43 11.32
N ALA B 124 2.10 -3.73 10.38
CA ALA B 124 1.93 -2.29 10.22
C ALA B 124 0.73 -1.92 9.34
N LEU B 125 0.33 -2.82 8.44
CA LEU B 125 -0.75 -2.54 7.49
C LEU B 125 -2.09 -3.14 7.89
N LEU B 126 -2.14 -3.85 9.00
CA LEU B 126 -3.37 -4.50 9.43
C LEU B 126 -3.51 -4.50 10.94
N CYS B 127 -2.58 -5.14 11.62
CA CYS B 127 -2.76 -5.51 13.02
C CYS B 127 -2.71 -4.31 13.97
N TYR B 128 -1.65 -3.52 13.88
CA TYR B 128 -1.56 -2.33 14.70
C TYR B 128 -2.62 -1.26 14.34
N PRO B 129 -2.89 -1.03 13.04
CA PRO B 129 -4.04 -0.17 12.73
C PRO B 129 -5.39 -0.69 13.28
N ALA B 130 -5.62 -1.99 13.21
CA ALA B 130 -6.87 -2.56 13.75
C ALA B 130 -6.97 -2.32 15.25
N ALA B 131 -5.85 -2.44 15.95
CA ALA B 131 -5.83 -2.22 17.40
C ALA B 131 -6.03 -0.73 17.72
N ARG B 132 -5.41 0.15 16.95
CA ARG B 132 -5.63 1.59 17.11
C ARG B 132 -7.10 1.93 16.88
N TYR B 133 -7.71 1.29 15.88
CA TYR B 133 -9.15 1.43 15.67
C TYR B 133 -9.94 1.06 16.93
N LEU B 134 -9.60 -0.08 17.54
CA LEU B 134 -10.25 -0.51 18.78
C LEU B 134 -10.05 0.49 19.90
N MET B 135 -8.94 1.23 19.85
CA MET B 135 -8.62 2.23 20.85
C MET B 135 -9.21 3.59 20.50
N GLY B 136 -9.94 3.64 19.40
CA GLY B 136 -10.59 4.87 18.97
C GLY B 136 -9.66 5.93 18.40
N SER B 137 -8.44 5.55 18.01
CA SER B 137 -7.53 6.53 17.43
C SER B 137 -7.25 6.31 15.94
N MET B 138 -8.00 5.40 15.32
CA MET B 138 -8.03 5.30 13.86
C MET B 138 -9.43 4.96 13.36
N THR B 139 -9.79 5.46 12.19
CA THR B 139 -11.10 5.17 11.61
C THR B 139 -11.04 3.82 10.92
N PRO B 140 -12.16 3.09 10.88
CA PRO B 140 -12.12 1.79 10.21
C PRO B 140 -11.88 1.94 8.71
N GLN B 141 -12.28 3.07 8.14
CA GLN B 141 -11.99 3.34 6.73
C GLN B 141 -10.49 3.37 6.44
N ALA B 142 -9.72 3.97 7.34
CA ALA B 142 -8.27 4.03 7.14
C ALA B 142 -7.66 2.64 7.31
N VAL B 143 -8.15 1.89 8.29
CA VAL B 143 -7.70 0.49 8.47
C VAL B 143 -7.87 -0.27 7.15
N LEU B 144 -9.03 -0.12 6.51
CA LEU B 144 -9.31 -0.86 5.28
C LEU B 144 -8.52 -0.34 4.08
N ALA B 145 -8.19 0.94 4.09
CA ALA B 145 -7.25 1.50 3.13
C ALA B 145 -5.87 0.85 3.27
N PHE B 146 -5.39 0.68 4.51
CA PHE B 146 -4.16 -0.06 4.73
C PHE B 146 -4.27 -1.52 4.26
N VAL B 147 -5.40 -2.17 4.53
CA VAL B 147 -5.63 -3.53 4.07
C VAL B 147 -5.53 -3.65 2.54
N ALA B 148 -6.14 -2.70 1.85
CA ALA B 148 -6.12 -2.72 0.38
C ALA B 148 -4.72 -2.60 -0.18
N LEU B 149 -3.79 -2.06 0.62
CA LEU B 149 -2.40 -1.87 0.21
C LEU B 149 -1.44 -3.00 0.63
N ILE B 150 -1.92 -3.98 1.38
CA ILE B 150 -1.12 -5.16 1.73
C ILE B 150 -0.58 -5.80 0.43
N PRO B 151 0.74 -6.04 0.36
CA PRO B 151 1.29 -6.61 -0.88
C PRO B 151 0.80 -8.03 -1.10
N PRO B 152 0.72 -8.47 -2.36
CA PRO B 152 0.40 -9.86 -2.69
C PRO B 152 1.24 -10.81 -1.88
N THR B 153 0.60 -11.83 -1.31
CA THR B 153 1.27 -12.77 -0.40
C THR B 153 2.21 -13.72 -1.16
N LEU B 154 3.50 -13.59 -0.91
CA LEU B 154 4.48 -14.42 -1.57
C LEU B 154 4.35 -15.89 -1.15
N PRO B 155 4.63 -16.80 -2.07
CA PRO B 155 4.74 -18.21 -1.72
C PRO B 155 5.67 -18.41 -0.52
N GLY B 156 5.35 -19.40 0.32
CA GLY B 156 6.17 -19.74 1.47
C GLY B 156 6.22 -18.67 2.54
N THR B 157 5.11 -17.99 2.74
CA THR B 157 5.00 -16.99 3.79
C THR B 157 4.62 -17.68 5.10
N ASN B 158 5.63 -18.01 5.90
CA ASN B 158 5.42 -18.61 7.22
C ASN B 158 5.43 -17.52 8.28
N ILE B 159 4.31 -17.39 8.99
CA ILE B 159 4.23 -16.43 10.06
C ILE B 159 4.08 -17.12 11.41
N VAL B 160 4.90 -16.69 12.38
CA VAL B 160 4.83 -17.23 13.73
C VAL B 160 4.21 -16.21 14.65
N LEU B 161 3.07 -16.56 15.23
CA LEU B 161 2.41 -15.70 16.20
C LEU B 161 2.69 -16.25 17.59
N GLY B 162 2.38 -15.48 18.63
CA GLY B 162 2.78 -15.87 19.97
C GLY B 162 1.61 -16.05 20.93
N ALA B 163 1.71 -17.09 21.77
CA ALA B 163 0.79 -17.26 22.89
C ALA B 163 1.48 -16.97 24.24
N LEU B 164 0.78 -16.25 25.10
CA LEU B 164 1.28 -15.93 26.42
C LEU B 164 0.11 -15.50 27.28
N PRO B 165 -0.01 -16.08 28.49
CA PRO B 165 -1.08 -15.68 29.41
C PRO B 165 -1.02 -14.18 29.66
N GLU B 166 -2.18 -13.53 29.70
CA GLU B 166 -2.25 -12.07 29.79
C GLU B 166 -1.50 -11.56 31.02
N ASP B 167 -1.64 -12.29 32.12
CA ASP B 167 -0.95 -11.97 33.37
C ASP B 167 0.58 -11.97 33.22
N ARG B 168 1.12 -13.01 32.58
CA ARG B 168 2.55 -13.10 32.36
C ARG B 168 3.01 -12.01 31.39
N HIS B 169 2.20 -11.75 30.37
CA HIS B 169 2.50 -10.72 29.37
C HIS B 169 2.55 -9.35 30.02
N ILE B 170 1.57 -9.07 30.86
CA ILE B 170 1.48 -7.80 31.58
C ILE B 170 2.71 -7.59 32.46
N ASP B 171 3.09 -8.63 33.20
CA ASP B 171 4.23 -8.57 34.10
C ASP B 171 5.51 -8.33 33.33
N ARG B 172 5.65 -9.05 32.23
CA ARG B 172 6.84 -8.96 31.41
C ARG B 172 6.98 -7.54 30.90
N LEU B 173 5.85 -6.96 30.51
CA LEU B 173 5.83 -5.62 29.96
C LEU B 173 6.03 -4.59 31.07
N ALA B 174 5.52 -4.90 32.26
CA ALA B 174 5.58 -3.96 33.38
C ALA B 174 6.99 -3.86 33.94
N LYS B 175 7.70 -4.99 33.97
CA LYS B 175 9.08 -5.04 34.46
C LYS B 175 10.03 -4.27 33.54
N ARG B 176 9.60 -4.02 32.31
CA ARG B 176 10.49 -3.41 31.33
C ARG B 176 9.75 -2.52 30.33
N ASP B 184 0.26 0.90 28.75
CA ASP B 184 -1.08 1.00 28.17
C ASP B 184 -1.72 -0.38 28.07
N LEU B 185 -2.39 -0.78 29.14
CA LEU B 185 -3.06 -2.08 29.20
C LEU B 185 -4.20 -2.20 28.19
N ALA B 186 -4.83 -1.09 27.85
CA ALA B 186 -5.92 -1.15 26.87
C ALA B 186 -5.36 -1.49 25.48
N MET B 187 -4.21 -0.90 25.15
CA MET B 187 -3.53 -1.20 23.89
C MET B 187 -3.02 -2.64 23.88
N LEU B 188 -2.48 -3.10 25.02
CA LEU B 188 -2.04 -4.48 25.12
C LEU B 188 -3.20 -5.45 24.92
N ALA B 189 -4.34 -5.14 25.52
CA ALA B 189 -5.55 -5.94 25.33
C ALA B 189 -5.99 -5.92 23.86
N ALA B 190 -5.97 -4.72 23.27
CA ALA B 190 -6.36 -4.52 21.88
C ALA B 190 -5.48 -5.31 20.91
N ILE B 191 -4.17 -5.17 21.04
CA ILE B 191 -3.28 -5.86 20.12
C ILE B 191 -3.33 -7.38 20.33
N ARG B 192 -3.47 -7.85 21.58
CA ARG B 192 -3.59 -9.29 21.83
C ARG B 192 -4.86 -9.83 21.18
N ARG B 193 -5.95 -9.08 21.31
CA ARG B 193 -7.20 -9.49 20.69
C ARG B 193 -7.09 -9.54 19.17
N VAL B 194 -6.48 -8.51 18.58
CA VAL B 194 -6.31 -8.47 17.13
C VAL B 194 -5.51 -9.68 16.61
N TYR B 195 -4.42 -10.03 17.30
CA TYR B 195 -3.62 -11.14 16.79
C TYR B 195 -4.31 -12.48 16.99
N GLY B 196 -5.12 -12.59 18.04
CA GLY B 196 -5.92 -13.78 18.25
C GLY B 196 -6.93 -13.90 17.11
N LEU B 197 -7.55 -12.78 16.75
CA LEU B 197 -8.51 -12.74 15.65
C LEU B 197 -7.83 -13.12 14.34
N LEU B 198 -6.61 -12.62 14.15
CA LEU B 198 -5.82 -12.93 12.97
C LEU B 198 -5.63 -14.43 12.81
N ALA B 199 -5.17 -15.09 13.87
CA ALA B 199 -4.96 -16.53 13.83
C ALA B 199 -6.25 -17.24 13.44
N ASN B 200 -7.37 -16.85 14.05
CA ASN B 200 -8.65 -17.47 13.72
C ASN B 200 -9.07 -17.22 12.28
N THR B 201 -8.69 -16.06 11.74
CA THR B 201 -9.09 -15.67 10.40
C THR B 201 -8.40 -16.56 9.39
N VAL B 202 -7.10 -16.79 9.58
CA VAL B 202 -6.38 -17.68 8.69
C VAL B 202 -6.99 -19.09 8.72
N ARG B 203 -7.29 -19.58 9.92
CA ARG B 203 -7.89 -20.92 10.04
C ARG B 203 -9.26 -20.99 9.37
N TYR B 204 -10.07 -19.95 9.59
CA TYR B 204 -11.41 -19.84 9.00
C TYR B 204 -11.35 -19.92 7.47
N LEU B 205 -10.42 -19.17 6.88
CA LEU B 205 -10.22 -19.17 5.44
C LEU B 205 -9.68 -20.48 4.90
N GLN B 206 -8.77 -21.12 5.62
CA GLN B 206 -8.21 -22.38 5.15
C GLN B 206 -9.18 -23.56 5.35
N CYS B 207 -10.17 -23.38 6.20
CA CYS B 207 -11.25 -24.34 6.35
C CYS B 207 -12.37 -24.06 5.35
N GLY B 208 -12.13 -23.12 4.44
CA GLY B 208 -13.07 -22.83 3.37
C GLY B 208 -14.14 -21.80 3.73
N GLY B 209 -13.89 -21.01 4.76
CA GLY B 209 -14.84 -20.00 5.19
C GLY B 209 -14.97 -18.88 4.17
N SER B 210 -16.22 -18.51 3.87
CA SER B 210 -16.50 -17.41 2.94
C SER B 210 -17.19 -16.29 3.71
N TRP B 211 -16.51 -15.16 3.89
CA TRP B 211 -17.01 -14.11 4.78
C TRP B 211 -18.35 -13.54 4.29
N ARG B 212 -18.50 -13.44 2.97
CA ARG B 212 -19.73 -12.93 2.38
C ARG B 212 -20.91 -13.85 2.74
N GLU B 213 -20.69 -15.15 2.78
CA GLU B 213 -21.76 -16.08 3.15
C GLU B 213 -22.16 -16.00 4.61
N ASP B 214 -21.18 -15.77 5.49
CA ASP B 214 -21.39 -15.73 6.93
C ASP B 214 -21.61 -14.34 7.50
N TRP B 215 -21.59 -13.30 6.66
CA TRP B 215 -21.68 -11.93 7.16
C TRP B 215 -22.89 -11.70 8.07
N GLY B 216 -24.03 -12.27 7.70
CA GLY B 216 -25.23 -12.15 8.52
C GLY B 216 -25.18 -12.86 9.88
N GLN B 217 -24.17 -13.70 10.12
CA GLN B 217 -24.05 -14.40 11.39
C GLN B 217 -23.44 -13.49 12.43
N LEU B 218 -23.05 -12.31 12.00
CA LEU B 218 -22.46 -11.30 12.87
C LEU B 218 -23.56 -10.46 13.55
N SER B 219 -23.36 -10.12 14.81
CA SER B 219 -24.26 -9.23 15.54
C SER B 219 -23.70 -8.80 16.89
N GLY B 220 -23.10 -9.74 17.61
CA GLY B 220 -22.52 -9.45 18.92
C GLY B 220 -21.17 -8.75 18.85
N PRO B 230 -7.14 -19.10 20.79
CA PRO B 230 -7.17 -19.18 19.32
C PRO B 230 -6.01 -20.00 18.77
N GLN B 231 -6.14 -20.41 17.51
CA GLN B 231 -5.14 -21.22 16.85
C GLN B 231 -5.41 -21.25 15.35
N SER B 232 -4.35 -21.16 14.54
CA SER B 232 -4.51 -21.65 13.19
C SER B 232 -3.96 -23.06 13.23
N ASN B 233 -3.33 -23.48 12.14
CA ASN B 233 -2.63 -24.75 12.11
C ASN B 233 -3.53 -25.95 12.37
N ALA B 234 -4.50 -25.79 13.28
CA ALA B 234 -5.32 -26.91 13.73
C ALA B 234 -6.71 -26.46 14.22
N GLY B 235 -7.55 -27.45 14.52
CA GLY B 235 -8.86 -27.17 15.07
C GLY B 235 -9.92 -27.00 14.00
N PRO B 236 -11.15 -26.77 14.42
CA PRO B 236 -12.27 -26.68 13.48
C PRO B 236 -12.44 -25.24 12.96
N ARG B 237 -13.37 -25.04 12.03
CA ARG B 237 -13.60 -23.71 11.49
C ARG B 237 -14.19 -22.78 12.53
N PRO B 238 -13.49 -21.67 12.82
CA PRO B 238 -14.03 -20.66 13.74
C PRO B 238 -15.30 -20.02 13.16
N HIS B 239 -16.11 -19.44 14.05
CA HIS B 239 -17.23 -18.59 13.72
C HIS B 239 -16.66 -17.26 13.25
N ILE B 240 -17.30 -16.65 12.26
CA ILE B 240 -16.89 -15.34 11.74
C ILE B 240 -16.79 -14.27 12.84
N GLY B 241 -17.62 -14.38 13.86
CA GLY B 241 -17.56 -13.47 14.99
C GLY B 241 -16.25 -13.53 15.77
N ASP B 242 -15.45 -14.57 15.52
CA ASP B 242 -14.16 -14.72 16.18
C ASP B 242 -13.00 -14.46 15.23
N THR B 243 -13.28 -13.85 14.08
CA THR B 243 -12.23 -13.54 13.10
C THR B 243 -12.16 -12.02 12.95
N LEU B 244 -11.17 -11.55 12.19
CA LEU B 244 -11.02 -10.11 11.95
C LEU B 244 -12.23 -9.47 11.27
N PHE B 245 -13.02 -10.29 10.58
CA PHE B 245 -14.17 -9.77 9.84
C PHE B 245 -15.19 -9.09 10.76
N THR B 246 -15.27 -9.56 12.00
CA THR B 246 -16.19 -8.98 12.97
C THR B 246 -15.88 -7.52 13.30
N LEU B 247 -14.64 -7.10 13.07
CA LEU B 247 -14.25 -5.72 13.40
C LEU B 247 -14.91 -4.69 12.49
N PHE B 248 -15.33 -5.10 11.31
CA PHE B 248 -15.75 -4.15 10.29
C PHE B 248 -17.26 -4.02 10.12
N ARG B 249 -17.99 -4.31 11.18
CA ARG B 249 -19.43 -4.10 11.21
C ARG B 249 -19.77 -2.67 11.61
N ALA B 250 -18.76 -1.81 11.60
CA ALA B 250 -18.90 -0.44 12.06
C ALA B 250 -19.96 0.33 11.28
N PRO B 251 -20.74 1.16 11.97
CA PRO B 251 -21.77 1.94 11.30
C PRO B 251 -21.17 2.85 10.24
N GLU B 252 -19.93 3.33 10.43
CA GLU B 252 -19.21 4.05 9.37
C GLU B 252 -19.17 3.30 8.03
N LEU B 253 -19.12 1.98 8.07
CA LEU B 253 -18.93 1.21 6.85
C LEU B 253 -20.23 0.71 6.25
N LEU B 254 -21.35 0.91 6.95
CA LEU B 254 -22.63 0.34 6.53
C LEU B 254 -23.54 1.36 5.85
N ALA B 255 -24.13 0.95 4.72
CA ALA B 255 -25.08 1.79 3.99
C ALA B 255 -26.42 1.87 4.73
N PRO B 256 -27.25 2.88 4.42
CA PRO B 256 -28.55 3.02 5.08
C PRO B 256 -29.38 1.74 5.10
N ASN B 257 -29.26 0.92 4.06
CA ASN B 257 -29.99 -0.34 4.03
C ASN B 257 -29.42 -1.40 4.97
N GLY B 258 -28.24 -1.14 5.53
CA GLY B 258 -27.65 -2.06 6.49
C GLY B 258 -26.50 -2.93 6.02
N ASP B 259 -26.21 -2.94 4.72
CA ASP B 259 -25.06 -3.72 4.25
C ASP B 259 -23.78 -2.88 4.15
N LEU B 260 -22.65 -3.57 4.05
CA LEU B 260 -21.37 -2.91 3.81
C LEU B 260 -21.42 -2.24 2.46
N TYR B 261 -20.91 -1.02 2.39
CA TYR B 261 -20.68 -0.42 1.09
C TYR B 261 -19.72 -1.36 0.34
N ASN B 262 -19.89 -1.43 -0.98
CA ASN B 262 -19.09 -2.33 -1.79
C ASN B 262 -17.59 -2.07 -1.71
N VAL B 263 -17.22 -0.81 -1.55
CA VAL B 263 -15.82 -0.44 -1.48
C VAL B 263 -15.15 -1.11 -0.26
N PHE B 264 -15.88 -1.20 0.84
CA PHE B 264 -15.35 -1.82 2.03
C PHE B 264 -15.43 -3.34 1.91
N ALA B 265 -16.47 -3.84 1.24
CA ALA B 265 -16.60 -5.27 1.01
C ALA B 265 -15.42 -5.77 0.18
N TRP B 266 -15.04 -4.98 -0.83
CA TRP B 266 -13.87 -5.32 -1.65
C TRP B 266 -12.57 -5.35 -0.84
N ALA B 267 -12.41 -4.45 0.13
CA ALA B 267 -11.24 -4.51 0.99
C ALA B 267 -11.23 -5.81 1.80
N LEU B 268 -12.40 -6.28 2.19
CA LEU B 268 -12.47 -7.54 2.95
C LEU B 268 -12.14 -8.73 2.05
N ASP B 269 -12.57 -8.66 0.80
CA ASP B 269 -12.15 -9.64 -0.21
C ASP B 269 -10.63 -9.69 -0.29
N VAL B 270 -10.00 -8.52 -0.33
CA VAL B 270 -8.54 -8.43 -0.36
C VAL B 270 -7.92 -9.02 0.90
N LEU B 271 -8.46 -8.66 2.07
CA LEU B 271 -8.01 -9.27 3.32
C LEU B 271 -8.03 -10.80 3.26
N ALA B 272 -9.13 -11.36 2.74
CA ALA B 272 -9.30 -12.80 2.63
C ALA B 272 -8.24 -13.44 1.73
N LYS B 273 -8.06 -12.86 0.55
CA LYS B 273 -7.07 -13.33 -0.42
C LYS B 273 -5.65 -13.34 0.18
N ARG B 274 -5.25 -12.24 0.81
CA ARG B 274 -3.91 -12.10 1.37
C ARG B 274 -3.62 -13.09 2.52
N LEU B 275 -4.60 -13.30 3.40
CA LEU B 275 -4.39 -14.16 4.56
C LEU B 275 -4.51 -15.64 4.25
N ARG B 276 -5.34 -16.00 3.28
CA ARG B 276 -5.72 -17.42 3.11
C ARG B 276 -4.57 -18.28 2.63
N SER B 277 -3.53 -17.68 2.06
CA SER B 277 -2.39 -18.47 1.58
C SER B 277 -1.19 -18.43 2.54
N MET B 278 -1.34 -17.75 3.68
CA MET B 278 -0.28 -17.74 4.68
C MET B 278 -0.24 -19.04 5.47
N HIS B 279 0.96 -19.41 5.92
CA HIS B 279 1.14 -20.57 6.80
C HIS B 279 1.43 -20.02 8.19
N VAL B 280 0.49 -20.21 9.09
CA VAL B 280 0.57 -19.63 10.42
C VAL B 280 0.90 -20.66 11.50
N PHE B 281 1.76 -20.27 12.43
CA PHE B 281 2.16 -21.14 13.53
C PHE B 281 2.11 -20.36 14.82
N ILE B 282 1.78 -21.05 15.91
CA ILE B 282 1.69 -20.40 17.21
C ILE B 282 2.80 -20.92 18.10
N LEU B 283 3.59 -19.99 18.61
CA LEU B 283 4.68 -20.30 19.51
C LEU B 283 4.26 -19.95 20.93
N ASP B 284 4.45 -20.89 21.85
CA ASP B 284 4.18 -20.64 23.26
C ASP B 284 5.42 -20.01 23.89
N TYR B 285 5.29 -18.73 24.25
CA TYR B 285 6.36 -17.96 24.85
C TYR B 285 6.38 -18.06 26.37
N ASP B 286 5.55 -18.93 26.92
CA ASP B 286 5.45 -19.10 28.36
C ASP B 286 6.50 -20.10 28.85
N GLN B 287 7.78 -19.79 28.57
CA GLN B 287 8.89 -20.64 28.99
C GLN B 287 10.20 -19.85 28.94
N SER B 288 11.29 -20.47 29.37
CA SER B 288 12.60 -19.79 29.38
C SER B 288 12.99 -19.40 27.96
N PRO B 289 13.97 -18.49 27.81
CA PRO B 289 14.45 -18.11 26.49
C PRO B 289 14.93 -19.29 25.63
N ALA B 290 15.71 -20.20 26.21
CA ALA B 290 16.18 -21.38 25.48
C ALA B 290 15.03 -22.30 25.08
N GLY B 291 14.06 -22.45 25.98
CA GLY B 291 12.89 -23.24 25.67
C GLY B 291 12.11 -22.65 24.50
N CYS B 292 11.97 -21.32 24.47
CA CYS B 292 11.29 -20.66 23.36
C CYS B 292 12.03 -20.94 22.06
N ARG B 293 13.36 -20.83 22.13
CA ARG B 293 14.21 -21.10 20.98
C ARG B 293 13.97 -22.49 20.41
N ASP B 294 14.02 -23.50 21.26
CA ASP B 294 13.88 -24.88 20.82
C ASP B 294 12.47 -25.17 20.31
N ALA B 295 11.48 -24.58 20.97
CA ALA B 295 10.11 -24.63 20.46
C ALA B 295 10.04 -24.01 19.06
N LEU B 296 10.68 -22.85 18.87
CA LEU B 296 10.67 -22.24 17.54
C LEU B 296 11.34 -23.14 16.53
N LEU B 297 12.44 -23.75 16.93
CA LEU B 297 13.16 -24.65 16.02
C LEU B 297 12.32 -25.86 15.57
N GLN B 298 11.60 -26.46 16.51
CA GLN B 298 10.75 -27.61 16.19
C GLN B 298 9.66 -27.17 15.21
N LEU B 299 9.08 -25.99 15.45
CA LEU B 299 8.07 -25.41 14.56
C LEU B 299 8.52 -25.25 13.11
N THR B 300 9.80 -24.94 12.89
CA THR B 300 10.30 -24.73 11.53
C THR B 300 10.30 -26.00 10.69
N SER B 301 10.22 -27.16 11.35
CA SER B 301 10.19 -28.44 10.64
C SER B 301 8.92 -28.61 9.78
N GLY B 302 7.83 -27.97 10.17
CA GLY B 302 6.61 -27.99 9.37
C GLY B 302 6.42 -26.78 8.47
N MET B 303 7.45 -25.96 8.29
CA MET B 303 7.28 -24.73 7.51
C MET B 303 7.53 -24.89 6.02
N VAL B 304 6.98 -23.98 5.22
CA VAL B 304 7.06 -24.10 3.77
C VAL B 304 8.23 -23.35 3.15
N GLN B 305 9.08 -24.10 2.45
CA GLN B 305 10.20 -23.52 1.72
C GLN B 305 9.78 -23.16 0.30
N THR B 306 10.55 -22.31 -0.36
CA THR B 306 10.32 -22.04 -1.78
C THR B 306 11.63 -22.16 -2.53
N HIS B 307 11.54 -22.30 -3.85
CA HIS B 307 12.71 -22.15 -4.69
C HIS B 307 13.02 -20.67 -4.84
N VAL B 308 14.20 -20.37 -5.36
CA VAL B 308 14.51 -19.00 -5.70
C VAL B 308 14.47 -18.83 -7.21
N THR B 309 14.59 -17.59 -7.66
CA THR B 309 14.44 -17.27 -9.07
C THR B 309 15.71 -17.59 -9.84
N THR B 310 16.83 -17.12 -9.32
CA THR B 310 18.13 -17.32 -9.97
C THR B 310 19.10 -17.94 -8.99
N PRO B 311 20.16 -18.59 -9.48
CA PRO B 311 21.14 -19.15 -8.55
C PRO B 311 21.75 -18.06 -7.67
N GLY B 312 21.97 -16.88 -8.26
CA GLY B 312 22.54 -15.76 -7.53
C GLY B 312 21.58 -15.07 -6.56
N SER B 313 20.33 -15.52 -6.54
CA SER B 313 19.32 -14.95 -5.64
C SER B 313 19.74 -15.07 -4.18
N ILE B 314 20.32 -16.21 -3.82
CA ILE B 314 20.73 -16.47 -2.45
C ILE B 314 21.77 -15.49 -1.89
N PRO B 315 22.88 -15.26 -2.61
CA PRO B 315 23.80 -14.25 -2.07
C PRO B 315 23.19 -12.86 -2.07
N THR B 316 22.38 -12.57 -3.09
CA THR B 316 21.71 -11.27 -3.17
C THR B 316 20.83 -11.02 -1.94
N ILE B 317 20.02 -12.02 -1.61
CA ILE B 317 19.12 -11.94 -0.47
C ILE B 317 19.90 -11.71 0.82
N CYS B 318 20.97 -12.49 0.98
CA CYS B 318 21.86 -12.33 2.12
C CYS B 318 22.38 -10.89 2.24
N ASP B 319 22.86 -10.34 1.13
CA ASP B 319 23.37 -8.97 1.13
C ASP B 319 22.28 -7.98 1.51
N LEU B 320 21.11 -8.16 0.91
CA LEU B 320 19.96 -7.31 1.19
C LEU B 320 19.61 -7.31 2.67
N ALA B 321 19.57 -8.50 3.28
CA ALA B 321 19.20 -8.60 4.69
C ALA B 321 20.23 -7.93 5.60
N ARG B 322 21.51 -8.23 5.37
CA ARG B 322 22.58 -7.64 6.17
C ARG B 322 22.68 -6.12 5.97
N THR B 323 22.46 -5.65 4.74
CA THR B 323 22.44 -4.21 4.50
C THR B 323 21.33 -3.56 5.32
N PHE B 324 20.14 -4.15 5.26
CA PHE B 324 19.00 -3.74 6.05
C PHE B 324 19.37 -3.73 7.51
N ALA B 325 19.91 -4.85 7.99
CA ALA B 325 20.28 -4.98 9.39
C ALA B 325 21.22 -3.87 9.84
N ARG B 326 22.29 -3.65 9.08
CA ARG B 326 23.28 -2.64 9.44
C ARG B 326 22.70 -1.24 9.49
N GLU B 327 21.83 -0.94 8.54
CA GLU B 327 21.39 0.43 8.39
C GLU B 327 20.23 0.76 9.31
N MET B 328 19.30 -0.18 9.45
CA MET B 328 18.06 0.12 10.16
C MET B 328 17.94 -0.58 11.51
N GLY B 329 18.91 -1.43 11.82
CA GLY B 329 18.90 -2.15 13.07
C GLY B 329 19.58 -1.38 14.18
N GLU B 330 19.15 -1.64 15.41
CA GLU B 330 19.70 -1.02 16.62
C GLU B 330 21.21 -1.18 16.71
N1 SK7 C . -6.23 15.48 -5.83
C6 SK7 C . -6.73 16.84 -6.08
O1 SK7 C . -5.29 16.27 -3.86
O2 SK7 C . -4.65 11.87 -4.81
N2 SK7 C . -4.97 14.05 -4.33
C1 SK7 C . -5.48 15.32 -4.62
C2 SK7 C . -5.15 12.92 -5.17
C3 SK7 C . -5.93 13.17 -6.39
C4 SK7 C . -6.09 11.95 -7.24
C5 SK7 C . -6.45 14.40 -6.70
C11 SK7 C . -7.21 14.64 -7.94
C12 SK7 C . -8.53 14.63 -8.16
C14 SK7 C . -9.09 14.87 -9.54
C13 SK7 C . -9.49 14.80 -7.02
O4 SK7 C . -9.56 13.63 -10.02
O3 SK7 C . -9.94 16.13 -7.00
S SO4 D . -10.53 16.43 -14.55
O1 SO4 D . -11.91 16.11 -14.21
O2 SO4 D . -9.64 15.32 -14.14
O3 SO4 D . -10.45 16.64 -16.00
O4 SO4 D . -10.14 17.63 -13.85
S SO4 E . -9.69 29.97 5.74
O1 SO4 E . -10.59 30.78 6.54
O2 SO4 E . -10.15 28.59 5.75
O3 SO4 E . -9.65 30.49 4.37
O4 SO4 E . -8.35 30.02 6.31
S SO4 F . -12.65 26.20 -23.03
O1 SO4 F . -12.98 25.24 -21.99
O2 SO4 F . -13.88 26.83 -23.53
O3 SO4 F . -11.99 25.51 -24.14
O4 SO4 F . -11.77 27.23 -22.45
N1 SK7 G . 3.82 -0.59 17.38
C6 SK7 G . 3.94 -0.42 18.84
O1 SK7 G . 2.30 1.18 17.37
O2 SK7 G . 3.20 -0.78 13.37
N2 SK7 G . 2.75 0.21 15.36
C1 SK7 G . 2.92 0.32 16.74
C2 SK7 G . 3.42 -0.77 14.57
C3 SK7 G . 4.34 -1.65 15.29
C4 SK7 G . 5.00 -2.63 14.41
C5 SK7 G . 4.53 -1.57 16.65
C11 SK7 G . 5.45 -2.50 17.37
C12 SK7 G . 6.73 -2.30 17.71
C14 SK7 G . 7.67 -3.43 18.08
C13 SK7 G . 7.26 -0.92 17.94
O4 SK7 G . 6.86 -4.55 18.38
O3 SK7 G . 7.07 -0.59 19.30
S SO4 H . 9.46 -8.54 21.98
O1 SO4 H . 9.89 -8.75 23.36
O2 SO4 H . 8.52 -9.60 21.62
O3 SO4 H . 8.75 -7.28 21.87
O4 SO4 H . 10.61 -8.54 21.05
S SO4 I . -4.31 -17.93 -3.34
O1 SO4 I . -4.97 -18.33 -2.11
O2 SO4 I . -3.37 -18.98 -3.75
O3 SO4 I . -5.32 -17.72 -4.39
O4 SO4 I . -3.59 -16.67 -3.16
S SO4 J . 10.75 -11.95 32.92
O1 SO4 J . 9.38 -11.96 32.40
O2 SO4 J . 11.00 -13.23 33.61
O3 SO4 J . 11.70 -11.80 31.81
O4 SO4 J . 10.91 -10.85 33.86
C1 EDO K . 21.83 -24.41 24.58
O1 EDO K . 22.06 -23.12 24.02
C2 EDO K . 21.54 -24.23 26.06
O2 EDO K . 20.85 -23.00 26.25
#